data_8CWW
#
_entry.id   8CWW
#
_cell.length_a   1.00
_cell.length_b   1.00
_cell.length_c   1.00
_cell.angle_alpha   90.00
_cell.angle_beta   90.00
_cell.angle_gamma   90.00
#
_symmetry.space_group_name_H-M   'P 1'
#
loop_
_entity.id
_entity.type
_entity.pdbx_description
1 polymer 'Meiosis-specific protein HOP1'
2 polymer 'Histone H3'
3 polymer 'Histone H4'
4 polymer 'Histone H2A'
5 polymer 'Histone H2B'
6 polymer 'Widom 601 DNA (146-MER)'
7 polymer 'Widom 601 DNA (146-MER)'
8 non-polymer 'ZINC ION'
#
loop_
_entity_poly.entity_id
_entity_poly.type
_entity_poly.pdbx_seq_one_letter_code
_entity_poly.pdbx_strand_id
1 'polypeptide(L)'
;SNASNNPVTGICSCECGLEVPKAATVLKTCKSCRKTLHGICYGNFLHSSIEKCFTCIFGPSLDTKWSKFQDLMMIRKVFR
FLVRKKKGFPASITELIDSFINVEDQNNEVKERVAFALFVFFLDETLCLDNGGKPSQTIRYVTSSVLVDVKGIVIPNTRK
QLNVNHEYKWHFTTSSPKAESFYQEVLPNSRKQVESWLQDITNLRKVYSEALS
;
P
2 'polypeptide(L)'
;ARTKQTARKSTGGKAPRKQLATKAARKSAPATGGVKKPHRYRPGTVALREIRRYQKSTELLIRKLPFQRLVREIAQDFKT
DLRFQSSAVMALQEASEAYLVALFEDTNLCAIHAKRVTIMPKDIQLARRIRGERA
;
A,E
3 'polypeptide(L)'
;SGRGKGGKGLGKGGAKRHRKVLRDNIQGITKPAIRRLARRGGVKRISGLIYEETRGVLKVFLENVIRDAVTYTEHAKRKT
VTAMDVVYALKRQGRTLYGFGG
;
B,F
4 'polypeptide(L)'
;SGRGKQGGKTRAKAKTRSSRAGLQFPVGRVHRLLRKGNYAERVGAGAPVYLAAVLEYLTAEILELAGNAARDNKKTRIIP
RHLQLAVRNDEELNKLLGRVTIAQGGVLPNIQSVLLPKKTESSKSAKSK
;
C,G
5 'polypeptide(L)'
;AKSAPAPKKGSKKAVTKTQKKDGKKRRKTRKESYAIYVYKVLKQVHPDTGISSKAMSIMNSFVNDVFERIAGEASRLAHY
NKRSTITSREIQTAVRLLLPGELAKHAVSEGTKAVTKYTSAK
;
D,H
6 'polydeoxyribonucleotide'
;(DA)(DC)(DA)(DG)(DG)(DA)(DT)(DG)(DT)(DA)(DT)(DA)(DT)(DA)(DT)(DC)(DT)(DG)(DA)(DC)
(DA)(DC)(DG)(DT)(DG)(DC)(DC)(DT)(DG)(DG)(DA)(DG)(DA)(DC)(DT)(DA)(DG)(DG)(DG)(DA)
(DG)(DT)(DA)(DA)(DT)(DC)(DC)(DC)(DC)(DT)(DT)(DG)(DG)(DC)(DG)(DG)(DT)(DT)(DA)(DA)
(DA)(DA)(DC)(DG)(DC)(DG)(DG)(DG)(DG)(DG)(DA)(DC)(DA)(DG)(DC)(DG)(DC)(DG)(DT)(DA)
(DC)(DG)(DT)(DG)(DC)(DG)(DT)(DT)(DT)(DA)(DA)(DG)(DC)(DG)(DG)(DT)(DG)(DC)(DT)(DA)
(DG)(DA)(DG)(DC)(DT)(DG)(DT)(DC)(DT)(DA)(DC)(DG)(DA)(DC)(DC)(DA)(DA)(DT)(DT)(DG)
(DA)(DG)(DC)(DG)(DG)(DC)(DC)(DT)(DC)(DG)(DG)(DC)(DA)(DC)(DC)(DG)(DG)(DG)(DA)(DT)
(DT)(DC)(DT)(DC)(DC)(DA)
;
I
7 'polydeoxyribonucleotide'
;(DT)(DG)(DG)(DA)(DG)(DA)(DA)(DT)(DC)(DC)(DC)(DG)(DG)(DT)(DG)(DC)(DC)(DG)(DA)(DG)
(DG)(DC)(DC)(DG)(DC)(DT)(DC)(DA)(DA)(DT)(DT)(DG)(DG)(DT)(DC)(DG)(DT)(DA)(DG)(DA)
(DC)(DA)(DG)(DC)(DT)(DC)(DT)(DA)(DG)(DC)(DA)(DC)(DC)(DG)(DC)(DT)(DT)(DA)(DA)(DA)
(DC)(DG)(DC)(DA)(DC)(DG)(DT)(DA)(DC)(DG)(DC)(DG)(DC)(DT)(DG)(DT)(DC)(DC)(DC)(DC)
(DC)(DG)(DC)(DG)(DT)(DT)(DT)(DT)(DA)(DA)(DC)(DC)(DG)(DC)(DC)(DA)(DA)(DG)(DG)(DG)
(DG)(DA)(DT)(DT)(DA)(DC)(DT)(DC)(DC)(DC)(DT)(DA)(DG)(DT)(DC)(DT)(DC)(DC)(DA)(DG)
(DG)(DC)(DA)(DC)(DG)(DT)(DG)(DT)(DC)(DA)(DG)(DA)(DT)(DA)(DT)(DA)(DT)(DA)(DC)(DA)
(DT)(DC)(DC)(DT)(DG)(DT)
;
J
#
# COMPACT_ATOMS: atom_id res chain seq x y z
N SER A 13 -39.08 -32.62 5.49
CA SER A 13 -38.42 -33.41 6.53
C SER A 13 -38.61 -32.78 7.90
N CYS A 14 -38.71 -31.45 7.93
CA CYS A 14 -38.91 -30.75 9.19
C CYS A 14 -40.31 -31.00 9.73
N GLU A 15 -40.47 -30.82 11.04
CA GLU A 15 -41.76 -31.08 11.68
C GLU A 15 -42.82 -30.10 11.22
N CYS A 16 -42.43 -28.92 10.73
CA CYS A 16 -43.42 -27.97 10.23
C CYS A 16 -44.13 -28.51 9.00
N GLY A 17 -43.42 -29.24 8.15
CA GLY A 17 -44.02 -29.92 7.03
C GLY A 17 -44.22 -29.07 5.78
N LEU A 18 -43.88 -27.79 5.83
CA LEU A 18 -44.01 -26.90 4.69
C LEU A 18 -42.66 -26.68 4.03
N GLU A 19 -42.66 -25.84 3.00
CA GLU A 19 -41.44 -25.51 2.27
C GLU A 19 -41.14 -24.03 2.44
N VAL A 20 -39.87 -23.71 2.62
CA VAL A 20 -39.44 -22.34 2.88
C VAL A 20 -38.51 -21.90 1.76
N PRO A 21 -38.65 -20.67 1.25
CA PRO A 21 -37.71 -20.18 0.24
C PRO A 21 -36.29 -20.13 0.79
N LYS A 22 -35.32 -20.27 -0.12
CA LYS A 22 -33.92 -20.40 0.28
C LYS A 22 -33.44 -19.17 1.03
N ALA A 23 -33.83 -17.97 0.57
CA ALA A 23 -33.34 -16.74 1.19
C ALA A 23 -33.91 -16.51 2.58
N ALA A 24 -34.99 -17.20 2.95
CA ALA A 24 -35.63 -16.93 4.23
C ALA A 24 -34.84 -17.51 5.39
N THR A 25 -34.33 -18.73 5.26
CA THR A 25 -33.74 -19.46 6.38
C THR A 25 -32.41 -20.07 5.97
N VAL A 26 -31.79 -20.75 6.94
CA VAL A 26 -30.54 -21.47 6.76
C VAL A 26 -30.72 -22.88 7.31
N LEU A 27 -30.16 -23.85 6.59
CA LEU A 27 -30.39 -25.26 6.92
C LEU A 27 -29.54 -25.71 8.11
N LYS A 28 -30.05 -26.70 8.84
CA LYS A 28 -29.34 -27.30 9.96
C LYS A 28 -29.40 -28.82 9.81
N THR A 29 -28.96 -29.54 10.84
CA THR A 29 -28.95 -31.00 10.81
C THR A 29 -29.00 -31.54 12.23
N CYS A 30 -29.66 -32.69 12.39
CA CYS A 30 -29.70 -33.42 13.65
C CYS A 30 -28.63 -34.50 13.64
N LYS A 31 -27.95 -34.68 14.78
CA LYS A 31 -26.83 -35.61 14.84
C LYS A 31 -27.30 -37.06 14.79
N SER A 32 -28.42 -37.37 15.45
CA SER A 32 -28.82 -38.77 15.58
C SER A 32 -29.46 -39.30 14.30
N CYS A 33 -30.59 -38.75 13.90
CA CYS A 33 -31.32 -39.25 12.75
C CYS A 33 -30.82 -38.67 11.42
N ARG A 34 -30.00 -37.62 11.46
CA ARG A 34 -29.33 -37.09 10.27
C ARG A 34 -30.34 -36.68 9.19
N LYS A 35 -31.18 -35.70 9.53
CA LYS A 35 -32.17 -35.18 8.60
C LYS A 35 -32.11 -33.66 8.60
N THR A 36 -32.45 -33.09 7.44
CA THR A 36 -32.41 -31.65 7.27
C THR A 36 -33.47 -30.96 8.14
N LEU A 37 -33.09 -29.82 8.72
CA LEU A 37 -33.99 -29.06 9.58
C LEU A 37 -33.94 -27.60 9.19
N HIS A 38 -35.01 -26.88 9.52
CA HIS A 38 -35.10 -25.45 9.26
C HIS A 38 -34.42 -24.68 10.39
N GLY A 39 -33.63 -23.67 10.02
CA GLY A 39 -33.00 -22.83 11.02
C GLY A 39 -33.99 -22.00 11.81
N ILE A 40 -34.97 -21.40 11.12
CA ILE A 40 -35.96 -20.57 11.81
C ILE A 40 -36.86 -21.38 12.72
N CYS A 41 -37.07 -22.66 12.42
CA CYS A 41 -37.90 -23.50 13.29
C CYS A 41 -37.21 -23.85 14.60
N TYR A 42 -35.91 -23.61 14.74
CA TYR A 42 -35.17 -23.99 15.93
C TYR A 42 -34.49 -22.82 16.62
N GLY A 43 -34.73 -21.59 16.18
CA GLY A 43 -34.22 -20.42 16.87
C GLY A 43 -32.84 -19.95 16.49
N ASN A 44 -32.33 -20.34 15.31
CA ASN A 44 -31.05 -19.87 14.80
C ASN A 44 -29.91 -20.22 15.77
N PHE A 45 -29.70 -21.51 15.94
CA PHE A 45 -28.65 -22.00 16.84
C PHE A 45 -27.27 -21.63 16.31
N LEU A 46 -26.31 -21.55 17.22
CA LEU A 46 -24.96 -21.14 16.85
C LEU A 46 -24.34 -22.09 15.84
N HIS A 47 -24.38 -23.38 16.13
CA HIS A 47 -23.72 -24.37 15.29
C HIS A 47 -24.70 -25.00 14.30
N SER A 48 -24.15 -25.70 13.32
CA SER A 48 -24.94 -26.32 12.26
C SER A 48 -25.35 -27.75 12.58
N SER A 49 -25.02 -28.26 13.77
CA SER A 49 -25.38 -29.60 14.18
C SER A 49 -26.13 -29.53 15.51
N ILE A 50 -27.25 -30.24 15.59
CA ILE A 50 -28.08 -30.30 16.79
C ILE A 50 -28.12 -31.72 17.29
N GLU A 51 -27.98 -31.90 18.60
CA GLU A 51 -27.91 -33.24 19.18
C GLU A 51 -29.21 -34.01 18.98
N LYS A 52 -30.34 -33.40 19.36
CA LYS A 52 -31.62 -34.07 19.28
C LYS A 52 -32.68 -33.10 18.80
N CYS A 53 -33.59 -33.59 17.97
CA CYS A 53 -34.70 -32.81 17.45
C CYS A 53 -35.98 -33.17 18.21
N PHE A 54 -37.11 -32.66 17.73
CA PHE A 54 -38.39 -32.92 18.40
C PHE A 54 -38.71 -34.41 18.40
N THR A 55 -38.48 -35.09 17.27
CA THR A 55 -38.78 -36.52 17.19
C THR A 55 -37.92 -37.32 18.17
N CYS A 56 -36.63 -36.99 18.25
CA CYS A 56 -35.74 -37.70 19.17
C CYS A 56 -36.17 -37.50 20.62
N ILE A 57 -36.53 -36.26 20.99
CA ILE A 57 -36.87 -35.96 22.37
C ILE A 57 -38.20 -36.60 22.76
N PHE A 58 -39.21 -36.44 21.90
CA PHE A 58 -40.57 -36.85 22.28
C PHE A 58 -40.74 -38.36 22.19
N GLY A 59 -40.60 -38.92 20.99
CA GLY A 59 -40.73 -40.35 20.81
C GLY A 59 -41.74 -40.71 19.74
N PRO A 60 -42.11 -41.99 19.68
CA PRO A 60 -43.03 -42.45 18.62
C PRO A 60 -44.46 -41.97 18.76
N SER A 61 -44.83 -41.38 19.89
CA SER A 61 -46.20 -40.93 20.12
C SER A 61 -46.44 -39.49 19.67
N LEU A 62 -45.44 -38.85 19.06
CA LEU A 62 -45.57 -37.47 18.60
C LEU A 62 -46.29 -37.46 17.26
N ASP A 63 -47.56 -37.07 17.27
CA ASP A 63 -48.34 -36.92 16.05
C ASP A 63 -48.19 -35.50 15.55
N THR A 64 -47.45 -35.32 14.46
CA THR A 64 -47.21 -33.99 13.92
C THR A 64 -48.46 -33.37 13.32
N LYS A 65 -49.52 -34.16 13.13
CA LYS A 65 -50.75 -33.65 12.53
C LYS A 65 -51.66 -32.94 13.51
N TRP A 66 -51.32 -32.93 14.80
CA TRP A 66 -52.10 -32.19 15.78
C TRP A 66 -52.06 -30.70 15.44
N SER A 67 -53.21 -30.04 15.62
CA SER A 67 -53.30 -28.62 15.28
C SER A 67 -52.41 -27.77 16.19
N LYS A 68 -52.31 -28.15 17.47
CA LYS A 68 -51.50 -27.38 18.41
C LYS A 68 -50.03 -27.36 17.99
N PHE A 69 -49.51 -28.50 17.55
CA PHE A 69 -48.12 -28.57 17.12
C PHE A 69 -47.87 -27.67 15.92
N GLN A 70 -48.79 -27.68 14.96
CA GLN A 70 -48.65 -26.82 13.78
C GLN A 70 -48.72 -25.35 14.15
N ASP A 71 -49.62 -24.99 15.06
CA ASP A 71 -49.71 -23.60 15.50
C ASP A 71 -48.42 -23.17 16.20
N LEU A 72 -47.87 -24.03 17.05
CA LEU A 72 -46.60 -23.72 17.71
C LEU A 72 -45.50 -23.49 16.69
N MET A 73 -45.43 -24.38 15.69
CA MET A 73 -44.42 -24.23 14.64
C MET A 73 -44.59 -22.92 13.89
N MET A 74 -45.83 -22.56 13.56
CA MET A 74 -46.08 -21.33 12.82
C MET A 74 -45.66 -20.11 13.63
N ILE A 75 -46.00 -20.09 14.92
CA ILE A 75 -45.65 -18.95 15.76
C ILE A 75 -44.14 -18.80 15.85
N ARG A 76 -43.44 -19.90 16.11
CA ARG A 76 -41.98 -19.84 16.21
C ARG A 76 -41.37 -19.41 14.88
N LYS A 77 -41.90 -19.92 13.77
CA LYS A 77 -41.41 -19.55 12.45
C LYS A 77 -41.51 -18.05 12.23
N VAL A 78 -42.70 -17.49 12.49
CA VAL A 78 -42.91 -16.06 12.24
C VAL A 78 -42.00 -15.22 13.13
N PHE A 79 -41.90 -15.58 14.41
CA PHE A 79 -41.09 -14.79 15.33
C PHE A 79 -39.62 -14.80 14.92
N ARG A 80 -39.09 -15.97 14.58
CA ARG A 80 -37.68 -16.05 14.23
C ARG A 80 -37.40 -15.35 12.90
N PHE A 81 -38.33 -15.45 11.94
CA PHE A 81 -38.15 -14.74 10.68
C PHE A 81 -38.08 -13.24 10.91
N LEU A 82 -39.02 -12.70 11.70
CA LEU A 82 -39.02 -11.27 11.97
C LEU A 82 -37.75 -10.85 12.71
N VAL A 83 -37.31 -11.65 13.68
CA VAL A 83 -36.11 -11.30 14.43
C VAL A 83 -34.88 -11.28 13.52
N ARG A 84 -34.73 -12.28 12.67
CA ARG A 84 -33.52 -12.35 11.86
C ARG A 84 -33.54 -11.36 10.70
N LYS A 85 -34.73 -10.86 10.33
CA LYS A 85 -34.76 -9.91 9.22
C LYS A 85 -34.21 -8.55 9.63
N LYS A 86 -34.35 -8.17 10.90
CA LYS A 86 -33.78 -6.93 11.45
C LYS A 86 -34.29 -5.69 10.72
N LYS A 87 -35.57 -5.70 10.35
CA LYS A 87 -36.17 -4.54 9.70
C LYS A 87 -37.58 -4.22 10.17
N GLY A 88 -38.08 -4.88 11.20
CA GLY A 88 -39.44 -4.64 11.64
C GLY A 88 -40.47 -5.31 10.74
N PHE A 89 -41.72 -4.88 10.93
CA PHE A 89 -42.82 -5.49 10.19
C PHE A 89 -42.84 -5.01 8.74
N PRO A 90 -43.12 -5.91 7.79
CA PRO A 90 -43.18 -5.50 6.38
C PRO A 90 -44.36 -4.60 6.07
N ALA A 91 -44.47 -4.17 4.82
CA ALA A 91 -45.50 -3.19 4.44
C ALA A 91 -46.91 -3.75 4.60
N SER A 92 -47.15 -4.97 4.11
CA SER A 92 -48.47 -5.56 4.15
C SER A 92 -48.39 -7.01 4.60
N ILE A 93 -49.50 -7.50 5.13
CA ILE A 93 -49.57 -8.88 5.62
C ILE A 93 -49.36 -9.87 4.47
N THR A 94 -49.98 -9.61 3.32
CA THR A 94 -49.80 -10.48 2.17
C THR A 94 -48.34 -10.53 1.73
N GLU A 95 -47.61 -9.43 1.88
CA GLU A 95 -46.18 -9.44 1.57
C GLU A 95 -45.43 -10.42 2.47
N LEU A 96 -45.72 -10.41 3.77
CA LEU A 96 -45.09 -11.36 4.68
C LEU A 96 -45.45 -12.80 4.31
N ILE A 97 -46.73 -13.03 4.05
CA ILE A 97 -47.20 -14.39 3.74
C ILE A 97 -46.50 -14.90 2.48
N ASP A 98 -46.42 -14.08 1.45
CA ASP A 98 -45.70 -14.46 0.24
C ASP A 98 -44.20 -14.60 0.48
N SER A 99 -43.65 -13.84 1.43
CA SER A 99 -42.22 -13.89 1.67
C SER A 99 -41.80 -15.20 2.31
N PHE A 100 -42.51 -15.65 3.34
CA PHE A 100 -42.08 -16.84 4.07
C PHE A 100 -42.92 -18.08 3.80
N ILE A 101 -43.89 -17.98 2.89
CA ILE A 101 -44.70 -19.13 2.48
C ILE A 101 -44.81 -19.14 0.96
N ASN A 102 -44.70 -20.32 0.36
CA ASN A 102 -44.86 -20.45 -1.08
C ASN A 102 -46.31 -20.21 -1.48
N VAL A 103 -46.49 -19.86 -2.76
CA VAL A 103 -47.82 -19.57 -3.27
C VAL A 103 -48.69 -20.82 -3.29
N GLU A 104 -48.11 -21.95 -3.70
CA GLU A 104 -48.89 -23.18 -3.85
C GLU A 104 -49.49 -23.65 -2.53
N ASP A 105 -48.72 -23.56 -1.44
CA ASP A 105 -49.17 -24.05 -0.15
C ASP A 105 -50.10 -23.08 0.57
N GLN A 106 -50.36 -21.91 0.00
CA GLN A 106 -51.16 -20.88 0.65
C GLN A 106 -52.64 -21.23 0.52
N ASN A 107 -53.29 -21.51 1.64
CA ASN A 107 -54.73 -21.76 1.67
C ASN A 107 -55.38 -20.96 2.78
N ASN A 108 -56.65 -21.24 3.07
CA ASN A 108 -57.36 -20.47 4.09
C ASN A 108 -56.89 -20.85 5.50
N GLU A 109 -56.56 -22.11 5.71
CA GLU A 109 -56.17 -22.57 7.05
C GLU A 109 -54.91 -21.87 7.54
N VAL A 110 -53.91 -21.74 6.66
CA VAL A 110 -52.68 -21.06 7.06
C VAL A 110 -52.95 -19.58 7.31
N LYS A 111 -53.88 -18.97 6.56
CA LYS A 111 -54.25 -17.59 6.83
C LYS A 111 -54.87 -17.45 8.22
N GLU A 112 -55.75 -18.38 8.58
CA GLU A 112 -56.34 -18.35 9.92
C GLU A 112 -55.26 -18.52 10.99
N ARG A 113 -54.31 -19.42 10.74
CA ARG A 113 -53.22 -19.63 11.70
C ARG A 113 -52.36 -18.37 11.85
N VAL A 114 -52.10 -17.68 10.74
CA VAL A 114 -51.33 -16.43 10.81
C VAL A 114 -52.09 -15.38 11.60
N ALA A 115 -53.41 -15.30 11.39
CA ALA A 115 -54.21 -14.35 12.16
C ALA A 115 -54.16 -14.68 13.65
N PHE A 116 -54.23 -15.97 13.98
CA PHE A 116 -54.13 -16.37 15.38
C PHE A 116 -52.78 -16.00 15.97
N ALA A 117 -51.70 -16.21 15.20
CA ALA A 117 -50.37 -15.84 15.67
C ALA A 117 -50.26 -14.34 15.90
N LEU A 118 -50.81 -13.54 15.00
CA LEU A 118 -50.80 -12.08 15.17
C LEU A 118 -51.56 -11.67 16.41
N PHE A 119 -52.72 -12.30 16.67
CA PHE A 119 -53.47 -12.01 17.88
C PHE A 119 -52.65 -12.35 19.12
N VAL A 120 -51.97 -13.49 19.11
CA VAL A 120 -51.15 -13.88 20.25
C VAL A 120 -50.03 -12.87 20.47
N PHE A 121 -49.39 -12.42 19.38
CA PHE A 121 -48.34 -11.42 19.50
C PHE A 121 -48.87 -10.12 20.09
N PHE A 122 -50.05 -9.68 19.63
CA PHE A 122 -50.65 -8.47 20.19
C PHE A 122 -50.96 -8.63 21.68
N LEU A 123 -51.38 -9.83 22.08
CA LEU A 123 -51.75 -10.04 23.48
C LEU A 123 -50.55 -9.92 24.42
N ASP A 124 -49.37 -10.34 23.99
CA ASP A 124 -48.19 -10.39 24.86
C ASP A 124 -47.35 -9.12 24.81
N GLU A 125 -47.87 -8.05 24.21
CA GLU A 125 -47.19 -6.75 24.11
C GLU A 125 -45.93 -6.82 23.27
N THR A 126 -45.69 -7.92 22.56
CA THR A 126 -44.59 -7.95 21.60
C THR A 126 -44.85 -6.99 20.45
N LEU A 127 -46.08 -6.94 19.96
CA LEU A 127 -46.50 -6.02 18.90
C LEU A 127 -47.53 -5.07 19.50
N CYS A 128 -47.27 -3.77 19.36
CA CYS A 128 -48.08 -2.75 20.02
C CYS A 128 -48.52 -1.69 19.01
N LEU A 129 -49.67 -1.09 19.29
CA LEU A 129 -50.23 -0.06 18.43
C LEU A 129 -49.84 1.32 18.95
N ASP A 130 -49.70 2.26 18.00
CA ASP A 130 -49.18 3.60 18.28
C ASP A 130 -50.31 4.55 18.64
N ASN A 131 -50.26 5.09 19.86
CA ASN A 131 -51.21 6.11 20.30
C ASN A 131 -50.67 7.52 20.09
N GLY A 132 -49.58 7.86 20.76
CA GLY A 132 -49.00 9.19 20.64
C GLY A 132 -47.48 9.19 20.72
N GLY A 133 -46.88 8.02 20.74
CA GLY A 133 -45.43 7.92 20.85
C GLY A 133 -45.02 6.48 21.13
N LYS A 134 -43.72 6.32 21.35
CA LYS A 134 -43.21 4.98 21.64
C LYS A 134 -43.71 4.49 23.00
N PRO A 135 -44.02 3.20 23.11
CA PRO A 135 -44.61 2.67 24.35
C PRO A 135 -43.74 2.83 25.57
N SER A 136 -42.48 2.38 25.49
CA SER A 136 -41.58 2.38 26.63
C SER A 136 -40.40 3.31 26.38
N GLN A 137 -39.87 3.85 27.48
CA GLN A 137 -38.72 4.75 27.41
C GLN A 137 -37.39 4.02 27.55
N THR A 138 -37.39 2.71 27.78
CA THR A 138 -36.16 1.95 27.94
C THR A 138 -36.01 0.85 26.89
N ILE A 139 -37.04 0.05 26.66
CA ILE A 139 -36.94 -1.07 25.72
C ILE A 139 -36.94 -0.54 24.30
N ARG A 140 -36.04 -1.06 23.48
CA ARG A 140 -35.94 -0.64 22.09
C ARG A 140 -37.16 -1.06 21.30
N TYR A 141 -37.62 -0.19 20.40
CA TYR A 141 -38.75 -0.47 19.54
C TYR A 141 -38.44 -0.02 18.12
N VAL A 142 -39.10 -0.65 17.16
CA VAL A 142 -38.98 -0.31 15.75
C VAL A 142 -40.36 0.07 15.22
N THR A 143 -40.45 1.22 14.57
CA THR A 143 -41.71 1.77 14.12
C THR A 143 -41.80 1.70 12.59
N SER A 144 -42.95 1.25 12.10
CA SER A 144 -43.19 1.14 10.67
C SER A 144 -44.68 1.30 10.39
N SER A 145 -45.01 1.63 9.15
CA SER A 145 -46.39 1.81 8.72
C SER A 145 -46.85 0.56 7.98
N VAL A 146 -47.96 -0.02 8.43
CA VAL A 146 -48.49 -1.26 7.88
C VAL A 146 -49.88 -0.99 7.33
N LEU A 147 -50.13 -1.43 6.10
CA LEU A 147 -51.44 -1.35 5.48
C LEU A 147 -52.18 -2.66 5.68
N VAL A 148 -53.32 -2.60 6.36
CA VAL A 148 -54.09 -3.80 6.66
C VAL A 148 -54.94 -4.17 5.46
N ASP A 149 -54.84 -5.42 5.03
CA ASP A 149 -55.59 -5.92 3.89
C ASP A 149 -56.44 -7.14 4.20
N VAL A 150 -56.02 -7.99 5.12
CA VAL A 150 -56.80 -9.17 5.48
C VAL A 150 -57.80 -8.77 6.56
N LYS A 151 -58.81 -9.61 6.75
CA LYS A 151 -59.89 -9.37 7.72
C LYS A 151 -59.90 -10.48 8.75
N GLY A 152 -60.08 -10.10 10.02
CA GLY A 152 -60.14 -11.06 11.10
C GLY A 152 -59.19 -10.75 12.24
N ILE A 153 -58.61 -9.55 12.22
CA ILE A 153 -57.64 -9.14 13.24
C ILE A 153 -58.39 -8.45 14.37
N VAL A 154 -58.17 -8.92 15.59
CA VAL A 154 -58.88 -8.43 16.77
C VAL A 154 -57.87 -7.90 17.76
N ILE A 155 -58.05 -6.65 18.16
CA ILE A 155 -57.27 -6.09 19.27
C ILE A 155 -57.81 -6.66 20.57
N PRO A 156 -56.95 -7.24 21.43
CA PRO A 156 -57.47 -7.95 22.61
C PRO A 156 -58.19 -7.05 23.61
N ASN A 157 -57.55 -5.96 24.03
CA ASN A 157 -58.12 -5.15 25.12
C ASN A 157 -59.38 -4.43 24.68
N THR A 158 -59.34 -3.76 23.53
CA THR A 158 -60.49 -2.98 23.07
C THR A 158 -61.60 -3.85 22.50
N ARG A 159 -61.29 -5.09 22.14
CA ARG A 159 -62.29 -6.04 21.61
C ARG A 159 -63.02 -5.46 20.40
N LYS A 160 -62.25 -4.89 19.48
CA LYS A 160 -62.80 -4.32 18.26
C LYS A 160 -62.01 -4.81 17.05
N GLN A 161 -62.69 -4.91 15.92
CA GLN A 161 -62.04 -5.31 14.68
C GLN A 161 -61.24 -4.16 14.10
N LEU A 162 -60.43 -4.47 13.09
CA LEU A 162 -59.62 -3.49 12.40
C LEU A 162 -60.18 -3.29 11.00
N ASN A 163 -60.34 -2.03 10.60
CA ASN A 163 -60.92 -1.72 9.30
C ASN A 163 -59.99 -2.15 8.17
N VAL A 164 -60.60 -2.52 7.04
CA VAL A 164 -59.86 -2.96 5.88
C VAL A 164 -59.45 -1.76 5.03
N ASN A 165 -58.31 -1.89 4.35
CA ASN A 165 -57.77 -0.84 3.48
C ASN A 165 -57.48 0.45 4.25
N HIS A 166 -56.76 0.29 5.37
CA HIS A 166 -56.31 1.42 6.16
C HIS A 166 -54.92 1.14 6.67
N GLU A 167 -54.15 2.20 6.91
CA GLU A 167 -52.77 2.11 7.36
C GLU A 167 -52.65 2.58 8.80
N TYR A 168 -51.82 1.89 9.56
CA TYR A 168 -51.60 2.21 10.96
C TYR A 168 -50.11 2.10 11.28
N LYS A 169 -49.68 2.82 12.32
CA LYS A 169 -48.31 2.76 12.78
C LYS A 169 -48.17 1.69 13.86
N TRP A 170 -47.23 0.78 13.68
CA TRP A 170 -47.02 -0.34 14.59
C TRP A 170 -45.63 -0.27 15.19
N HIS A 171 -45.50 -0.83 16.40
CA HIS A 171 -44.22 -0.92 17.09
C HIS A 171 -43.88 -2.38 17.35
N PHE A 172 -42.61 -2.72 17.15
CA PHE A 172 -42.14 -4.09 17.29
C PHE A 172 -40.90 -4.13 18.17
N THR A 173 -40.77 -5.21 18.93
CA THR A 173 -39.64 -5.38 19.84
C THR A 173 -39.31 -6.86 19.98
N THR A 174 -38.13 -7.14 20.53
CA THR A 174 -37.68 -8.51 20.73
C THR A 174 -37.70 -8.93 22.20
N SER A 175 -37.14 -8.12 23.09
CA SER A 175 -37.01 -8.48 24.50
C SER A 175 -38.15 -7.84 25.29
N SER A 176 -39.35 -8.38 25.10
CA SER A 176 -40.49 -7.90 25.88
C SER A 176 -40.37 -8.38 27.32
N PRO A 177 -40.74 -7.55 28.30
CA PRO A 177 -40.67 -7.98 29.70
C PRO A 177 -41.53 -9.19 30.00
N LYS A 178 -42.69 -9.31 29.36
CA LYS A 178 -43.60 -10.44 29.55
C LYS A 178 -43.93 -11.04 28.20
N ALA A 179 -43.41 -12.23 27.93
CA ALA A 179 -43.69 -12.93 26.68
C ALA A 179 -43.73 -14.42 26.96
N GLU A 180 -44.45 -15.15 26.11
CA GLU A 180 -44.57 -16.59 26.28
C GLU A 180 -43.23 -17.28 25.98
N SER A 181 -42.98 -18.34 26.74
CA SER A 181 -41.68 -19.01 26.68
C SER A 181 -41.57 -19.97 25.50
N PHE A 182 -42.67 -20.37 24.89
CA PHE A 182 -42.57 -21.34 23.80
C PHE A 182 -42.04 -20.75 22.51
N TYR A 183 -42.03 -19.42 22.38
CA TYR A 183 -41.38 -18.76 21.25
C TYR A 183 -40.21 -17.88 21.68
N GLN A 184 -39.81 -17.97 22.95
CA GLN A 184 -38.67 -17.21 23.48
C GLN A 184 -37.43 -18.06 23.66
N GLU A 185 -37.58 -19.30 24.09
CA GLU A 185 -36.44 -20.19 24.27
C GLU A 185 -35.93 -20.69 22.92
N VAL A 186 -34.69 -21.18 22.92
CA VAL A 186 -34.04 -21.57 21.67
C VAL A 186 -34.40 -23.00 21.30
N LEU A 187 -34.08 -23.95 22.18
CA LEU A 187 -34.25 -25.37 21.86
C LEU A 187 -35.04 -26.07 22.95
N PRO A 188 -35.79 -27.11 22.58
CA PRO A 188 -36.53 -27.87 23.59
C PRO A 188 -35.59 -28.69 24.47
N ASN A 189 -36.05 -28.98 25.68
CA ASN A 189 -35.26 -29.72 26.65
C ASN A 189 -35.88 -31.06 27.02
N SER A 190 -37.13 -31.08 27.45
CA SER A 190 -37.77 -32.30 27.90
C SER A 190 -39.21 -32.33 27.43
N ARG A 191 -39.87 -33.47 27.68
CA ARG A 191 -41.25 -33.67 27.21
C ARG A 191 -42.25 -32.88 28.04
N LYS A 192 -41.97 -32.69 29.33
CA LYS A 192 -42.87 -31.93 30.19
C LYS A 192 -43.00 -30.49 29.70
N GLN A 193 -41.89 -29.89 29.27
CA GLN A 193 -41.93 -28.55 28.72
C GLN A 193 -42.82 -28.50 27.48
N VAL A 194 -42.71 -29.52 26.61
CA VAL A 194 -43.50 -29.54 25.38
C VAL A 194 -44.98 -29.67 25.69
N GLU A 195 -45.35 -30.55 26.62
CA GLU A 195 -46.78 -30.69 26.94
C GLU A 195 -47.31 -29.44 27.64
N SER A 196 -46.50 -28.79 28.48
CA SER A 196 -46.93 -27.52 29.06
C SER A 196 -47.16 -26.47 27.98
N TRP A 197 -46.28 -26.42 26.98
CA TRP A 197 -46.47 -25.50 25.87
C TRP A 197 -47.76 -25.82 25.12
N LEU A 198 -48.05 -27.10 24.91
CA LEU A 198 -49.29 -27.48 24.24
C LEU A 198 -50.52 -27.05 25.03
N GLN A 199 -50.47 -27.22 26.36
CA GLN A 199 -51.57 -26.77 27.20
C GLN A 199 -51.76 -25.26 27.12
N ASP A 200 -50.64 -24.52 27.11
CA ASP A 200 -50.74 -23.07 26.96
C ASP A 200 -51.34 -22.68 25.62
N ILE A 201 -50.98 -23.41 24.56
CA ILE A 201 -51.58 -23.19 23.24
C ILE A 201 -53.08 -23.44 23.30
N THR A 202 -53.50 -24.49 24.01
CA THR A 202 -54.92 -24.77 24.16
C THR A 202 -55.64 -23.62 24.86
N ASN A 203 -55.03 -23.09 25.93
CA ASN A 203 -55.65 -21.98 26.65
C ASN A 203 -55.75 -20.74 25.76
N LEU A 204 -54.69 -20.45 24.99
CA LEU A 204 -54.73 -19.31 24.09
C LEU A 204 -55.80 -19.49 23.03
N ARG A 205 -55.96 -20.70 22.50
CA ARG A 205 -57.02 -20.97 21.53
C ARG A 205 -58.39 -20.73 22.14
N LYS A 206 -58.59 -21.17 23.39
CA LYS A 206 -59.86 -20.93 24.06
C LYS A 206 -60.12 -19.43 24.21
N VAL A 207 -59.09 -18.67 24.59
CA VAL A 207 -59.26 -17.23 24.78
C VAL A 207 -59.60 -16.56 23.45
N TYR A 208 -58.90 -16.95 22.37
CA TYR A 208 -59.18 -16.38 21.06
C TYR A 208 -60.59 -16.70 20.61
N SER A 209 -61.03 -17.95 20.83
CA SER A 209 -62.38 -18.33 20.44
C SER A 209 -63.43 -17.53 21.22
N GLU A 210 -63.21 -17.35 22.53
CA GLU A 210 -64.18 -16.61 23.34
C GLU A 210 -64.14 -15.11 23.07
N ALA A 211 -63.02 -14.59 22.56
CA ALA A 211 -62.94 -13.18 22.24
C ALA A 211 -63.41 -12.85 20.83
N LEU A 212 -63.36 -13.80 19.91
CA LEU A 212 -63.85 -13.58 18.54
C LEU A 212 -65.37 -13.56 18.44
N SER A 213 -66.06 -14.41 19.19
CA SER A 213 -67.52 -14.44 19.16
C SER A 213 -68.10 -14.15 20.54
N PRO B 38 31.32 -49.33 -5.31
CA PRO B 38 31.05 -48.09 -4.58
C PRO B 38 30.58 -46.96 -5.49
N HIS B 39 31.39 -46.59 -6.47
CA HIS B 39 31.04 -45.58 -7.47
C HIS B 39 30.71 -44.24 -6.80
N ARG B 40 31.72 -43.65 -6.18
CA ARG B 40 31.57 -42.33 -5.58
C ARG B 40 31.73 -41.24 -6.64
N TYR B 41 30.80 -40.29 -6.65
CA TYR B 41 30.95 -39.13 -7.52
C TYR B 41 32.01 -38.19 -6.97
N ARG B 42 32.74 -37.54 -7.88
CA ARG B 42 33.76 -36.59 -7.46
C ARG B 42 33.10 -35.34 -6.86
N PRO B 43 33.78 -34.67 -5.93
CA PRO B 43 33.18 -33.49 -5.28
C PRO B 43 32.81 -32.42 -6.29
N GLY B 44 31.65 -31.82 -6.08
CA GLY B 44 31.13 -30.79 -6.95
C GLY B 44 30.17 -31.28 -8.02
N THR B 45 30.17 -32.58 -8.31
CA THR B 45 29.29 -33.10 -9.35
C THR B 45 27.84 -33.07 -8.91
N VAL B 46 27.56 -33.53 -7.68
CA VAL B 46 26.19 -33.54 -7.19
C VAL B 46 25.68 -32.12 -6.97
N ALA B 47 26.57 -31.22 -6.55
CA ALA B 47 26.16 -29.84 -6.28
C ALA B 47 25.61 -29.16 -7.53
N LEU B 48 26.26 -29.38 -8.67
CA LEU B 48 25.75 -28.82 -9.92
C LEU B 48 24.41 -29.43 -10.30
N ARG B 49 24.19 -30.69 -9.94
CA ARG B 49 22.94 -31.35 -10.27
C ARG B 49 21.77 -30.74 -9.49
N GLU B 50 22.03 -30.32 -8.24
CA GLU B 50 20.97 -29.73 -7.44
C GLU B 50 20.62 -28.32 -7.88
N ILE B 51 21.58 -27.60 -8.46
CA ILE B 51 21.30 -26.25 -8.94
C ILE B 51 20.27 -26.27 -10.06
N ARG B 52 20.41 -27.21 -11.00
CA ARG B 52 19.46 -27.31 -12.09
C ARG B 52 18.08 -27.74 -11.61
N ARG B 53 18.03 -28.58 -10.57
CA ARG B 53 16.74 -29.06 -10.08
C ARG B 53 15.93 -27.95 -9.44
N TYR B 54 16.56 -27.13 -8.60
CA TYR B 54 15.83 -26.13 -7.82
C TYR B 54 15.60 -24.84 -8.58
N GLN B 55 16.21 -24.66 -9.75
CA GLN B 55 15.91 -23.53 -10.61
C GLN B 55 14.81 -23.86 -11.62
N LYS B 56 14.21 -25.04 -11.53
CA LYS B 56 13.18 -25.48 -12.44
C LYS B 56 11.81 -25.58 -11.82
N SER B 57 11.71 -25.55 -10.49
CA SER B 57 10.45 -25.67 -9.77
C SER B 57 10.05 -24.34 -9.16
N THR B 58 8.86 -24.32 -8.55
CA THR B 58 8.29 -23.11 -7.97
C THR B 58 7.74 -23.33 -6.57
N GLU B 59 8.16 -24.38 -5.88
CA GLU B 59 7.64 -24.70 -4.57
C GLU B 59 8.37 -23.92 -3.48
N LEU B 60 7.83 -24.00 -2.26
CA LEU B 60 8.48 -23.39 -1.10
C LEU B 60 9.50 -24.35 -0.51
N LEU B 61 10.54 -23.77 0.10
CA LEU B 61 11.70 -24.53 0.54
C LEU B 61 11.89 -24.54 2.05
N ILE B 62 10.91 -24.04 2.81
CA ILE B 62 11.00 -24.02 4.27
C ILE B 62 9.77 -24.72 4.84
N ARG B 63 10.00 -25.55 5.86
CA ARG B 63 8.90 -26.25 6.51
C ARG B 63 7.88 -25.25 7.07
N LYS B 64 6.60 -25.53 6.83
CA LYS B 64 5.55 -24.55 7.14
C LYS B 64 5.34 -24.40 8.63
N LEU B 65 5.27 -25.53 9.35
CA LEU B 65 4.95 -25.47 10.78
C LEU B 65 6.00 -24.73 11.60
N PRO B 66 7.31 -25.00 11.46
CA PRO B 66 8.28 -24.21 12.23
C PRO B 66 8.26 -22.73 11.93
N PHE B 67 7.97 -22.35 10.68
CA PHE B 67 7.96 -20.94 10.31
C PHE B 67 6.82 -20.20 11.01
N GLN B 68 5.68 -20.87 11.19
CA GLN B 68 4.53 -20.21 11.81
C GLN B 68 4.81 -19.85 13.26
N ARG B 69 5.50 -20.72 14.00
CA ARG B 69 5.79 -20.43 15.39
C ARG B 69 6.72 -19.24 15.53
N LEU B 70 7.66 -19.05 14.60
CA LEU B 70 8.57 -17.91 14.67
C LEU B 70 7.81 -16.60 14.53
N VAL B 71 6.82 -16.55 13.63
CA VAL B 71 6.08 -15.31 13.40
C VAL B 71 5.32 -14.90 14.65
N ARG B 72 4.67 -15.85 15.32
CA ARG B 72 3.87 -15.52 16.49
C ARG B 72 4.75 -15.04 17.65
N GLU B 73 5.95 -15.60 17.79
CA GLU B 73 6.83 -15.20 18.87
C GLU B 73 7.27 -13.74 18.74
N ILE B 74 7.59 -13.31 17.52
CA ILE B 74 8.06 -11.94 17.32
C ILE B 74 6.96 -10.94 17.65
N ALA B 75 5.72 -11.24 17.25
CA ALA B 75 4.61 -10.30 17.44
C ALA B 75 4.22 -10.11 18.89
N GLN B 76 4.72 -10.93 19.81
CA GLN B 76 4.36 -10.79 21.22
C GLN B 76 4.82 -9.45 21.79
N ASP B 77 5.96 -8.94 21.31
CA ASP B 77 6.50 -7.71 21.86
C ASP B 77 5.58 -6.52 21.58
N PHE B 78 5.05 -6.43 20.36
CA PHE B 78 4.27 -5.25 19.98
C PHE B 78 2.89 -5.27 20.63
N LYS B 79 2.23 -6.42 20.64
CA LYS B 79 0.91 -6.52 21.24
C LYS B 79 0.66 -7.97 21.62
N THR B 80 -0.09 -8.17 22.70
CA THR B 80 -0.39 -9.49 23.21
C THR B 80 -1.79 -9.92 22.79
N ASP B 81 -1.99 -11.25 22.73
CA ASP B 81 -3.27 -11.86 22.37
C ASP B 81 -3.72 -11.42 20.97
N LEU B 82 -2.92 -11.81 19.99
CA LEU B 82 -3.20 -11.54 18.59
C LEU B 82 -3.62 -12.81 17.88
N ARG B 83 -4.42 -12.67 16.84
CA ARG B 83 -4.86 -13.77 16.00
C ARG B 83 -4.54 -13.47 14.55
N PHE B 84 -4.23 -14.53 13.79
CA PHE B 84 -3.80 -14.40 12.40
C PHE B 84 -4.74 -15.16 11.49
N GLN B 85 -4.94 -14.60 10.29
CA GLN B 85 -5.62 -15.34 9.24
C GLN B 85 -4.66 -16.34 8.59
N SER B 86 -5.23 -17.39 8.01
CA SER B 86 -4.41 -18.41 7.37
C SER B 86 -3.62 -17.85 6.20
N SER B 87 -4.25 -17.02 5.38
CA SER B 87 -3.57 -16.45 4.22
C SER B 87 -2.59 -15.34 4.59
N ALA B 88 -2.74 -14.75 5.78
CA ALA B 88 -1.80 -13.72 6.21
C ALA B 88 -0.41 -14.30 6.41
N VAL B 89 -0.32 -15.50 7.00
CA VAL B 89 0.98 -16.12 7.22
C VAL B 89 1.61 -16.52 5.90
N MET B 90 0.81 -16.98 4.94
CA MET B 90 1.35 -17.39 3.64
C MET B 90 1.94 -16.21 2.88
N ALA B 91 1.37 -15.02 3.03
CA ALA B 91 1.93 -13.85 2.37
C ALA B 91 3.32 -13.52 2.88
N LEU B 92 3.54 -13.67 4.20
CA LEU B 92 4.85 -13.38 4.77
C LEU B 92 5.91 -14.35 4.27
N GLN B 93 5.56 -15.63 4.12
CA GLN B 93 6.55 -16.61 3.71
C GLN B 93 6.95 -16.43 2.26
N GLU B 94 6.01 -16.01 1.40
CA GLU B 94 6.35 -15.75 0.01
C GLU B 94 7.34 -14.60 -0.13
N ALA B 95 7.14 -13.53 0.63
CA ALA B 95 8.03 -12.37 0.51
C ALA B 95 9.38 -12.64 1.14
N SER B 96 9.43 -13.46 2.20
CA SER B 96 10.68 -13.71 2.90
C SER B 96 11.65 -14.50 2.02
N GLU B 97 11.16 -15.57 1.38
CA GLU B 97 12.05 -16.41 0.57
C GLU B 97 12.56 -15.66 -0.66
N ALA B 98 11.72 -14.81 -1.26
CA ALA B 98 12.16 -14.03 -2.41
C ALA B 98 13.29 -13.07 -2.02
N TYR B 99 13.23 -12.53 -0.81
CA TYR B 99 14.29 -11.63 -0.35
C TYR B 99 15.62 -12.35 -0.19
N LEU B 100 15.60 -13.56 0.38
CA LEU B 100 16.84 -14.28 0.64
C LEU B 100 17.48 -14.79 -0.65
N VAL B 101 16.68 -15.25 -1.60
CA VAL B 101 17.22 -15.77 -2.85
C VAL B 101 17.93 -14.67 -3.61
N ALA B 102 17.33 -13.48 -3.69
CA ALA B 102 17.98 -12.38 -4.39
C ALA B 102 19.26 -11.93 -3.69
N LEU B 103 19.33 -12.09 -2.37
CA LEU B 103 20.54 -11.70 -1.64
C LEU B 103 21.71 -12.61 -1.97
N PHE B 104 21.46 -13.90 -2.16
CA PHE B 104 22.55 -14.83 -2.43
C PHE B 104 23.16 -14.61 -3.80
N GLU B 105 22.39 -14.07 -4.75
CA GLU B 105 22.95 -13.79 -6.07
C GLU B 105 24.01 -12.70 -5.99
N ASP B 106 23.73 -11.64 -5.22
CA ASP B 106 24.73 -10.57 -5.07
C ASP B 106 25.93 -11.05 -4.27
N THR B 107 25.71 -11.93 -3.29
CA THR B 107 26.83 -12.48 -2.52
C THR B 107 27.75 -13.31 -3.41
N ASN B 108 27.18 -14.05 -4.35
CA ASN B 108 27.99 -14.90 -5.23
C ASN B 108 28.91 -14.06 -6.12
N LEU B 109 28.42 -12.92 -6.60
CA LEU B 109 29.23 -12.07 -7.47
C LEU B 109 30.43 -11.50 -6.73
N CYS B 110 30.26 -11.15 -5.45
CA CYS B 110 31.37 -10.58 -4.69
C CYS B 110 32.48 -11.59 -4.48
N ALA B 111 32.13 -12.87 -4.28
CA ALA B 111 33.14 -13.90 -4.07
C ALA B 111 34.00 -14.09 -5.32
N ILE B 112 33.38 -14.09 -6.50
CA ILE B 112 34.13 -14.27 -7.74
C ILE B 112 35.06 -13.09 -8.00
N HIS B 113 34.64 -11.88 -7.59
CA HIS B 113 35.47 -10.70 -7.78
C HIS B 113 36.80 -10.81 -7.06
N ALA B 114 36.85 -11.62 -5.99
CA ALA B 114 38.08 -11.84 -5.23
C ALA B 114 38.77 -13.14 -5.59
N LYS B 115 38.38 -13.78 -6.69
CA LYS B 115 38.98 -15.02 -7.17
C LYS B 115 38.83 -16.14 -6.14
N ARG B 116 37.59 -16.44 -5.80
CA ARG B 116 37.26 -17.54 -4.92
C ARG B 116 35.99 -18.23 -5.42
N VAL B 117 35.68 -19.37 -4.81
CA VAL B 117 34.49 -20.14 -5.15
C VAL B 117 33.51 -20.21 -3.99
N THR B 118 34.01 -20.41 -2.77
CA THR B 118 33.16 -20.45 -1.60
C THR B 118 32.74 -19.05 -1.19
N ILE B 119 31.57 -18.95 -0.56
CA ILE B 119 31.06 -17.69 -0.04
C ILE B 119 31.35 -17.64 1.46
N MET B 120 31.65 -16.44 1.96
CA MET B 120 32.08 -16.22 3.32
C MET B 120 31.27 -15.08 3.93
N PRO B 121 31.23 -14.98 5.27
CA PRO B 121 30.42 -13.92 5.90
C PRO B 121 30.77 -12.51 5.45
N LYS B 122 32.04 -12.22 5.17
CA LYS B 122 32.40 -10.87 4.74
C LYS B 122 31.83 -10.52 3.38
N ASP B 123 31.42 -11.52 2.58
CA ASP B 123 30.79 -11.22 1.30
C ASP B 123 29.37 -10.71 1.49
N ILE B 124 28.65 -11.25 2.47
CA ILE B 124 27.29 -10.78 2.75
C ILE B 124 27.31 -9.34 3.23
N GLN B 125 28.27 -9.01 4.09
CA GLN B 125 28.32 -7.66 4.66
C GLN B 125 28.60 -6.61 3.59
N LEU B 126 29.48 -6.92 2.64
CA LEU B 126 29.78 -5.97 1.56
C LEU B 126 28.55 -5.72 0.69
N ALA B 127 27.79 -6.77 0.39
CA ALA B 127 26.63 -6.62 -0.49
C ALA B 127 25.58 -5.72 0.15
N ARG B 128 25.34 -5.88 1.46
CA ARG B 128 24.35 -5.04 2.12
C ARG B 128 24.81 -3.60 2.23
N ARG B 129 26.12 -3.37 2.40
CA ARG B 129 26.63 -2.02 2.51
C ARG B 129 26.45 -1.25 1.21
N ILE B 130 26.81 -1.87 0.08
CA ILE B 130 26.66 -1.21 -1.20
C ILE B 130 25.18 -0.99 -1.52
N ARG B 131 24.34 -1.97 -1.20
CA ARG B 131 22.92 -1.87 -1.52
C ARG B 131 22.26 -0.71 -0.79
N GLY B 132 22.67 -0.45 0.44
CA GLY B 132 22.15 0.65 1.23
C GLY B 132 21.40 0.25 2.48
N GLU B 133 21.30 -1.05 2.80
CA GLU B 133 20.57 -1.46 3.98
C GLU B 133 21.34 -1.14 5.26
N ARG B 134 22.66 -1.35 5.25
CA ARG B 134 23.48 -1.07 6.42
C ARG B 134 23.93 0.38 6.44
N LYS C 20 0.69 -19.34 26.83
CA LYS C 20 2.03 -19.91 26.82
C LYS C 20 2.97 -19.03 26.01
N VAL C 21 4.21 -18.89 26.50
CA VAL C 21 5.19 -18.00 25.89
C VAL C 21 6.14 -18.83 25.03
N LEU C 22 6.24 -18.49 23.76
CA LEU C 22 7.15 -19.17 22.85
C LEU C 22 8.56 -18.62 23.02
N ARG C 23 9.55 -19.48 22.82
CA ARG C 23 10.94 -19.08 22.97
C ARG C 23 11.83 -20.01 22.16
N ASP C 24 12.96 -19.46 21.70
CA ASP C 24 13.99 -20.22 20.99
C ASP C 24 13.41 -20.93 19.76
N ASN C 25 12.64 -20.20 18.97
CA ASN C 25 12.07 -20.73 17.73
C ASN C 25 12.90 -20.36 16.50
N ILE C 26 13.99 -19.60 16.68
CA ILE C 26 14.83 -19.25 15.55
C ILE C 26 15.61 -20.46 15.03
N GLN C 27 15.77 -21.49 15.87
CA GLN C 27 16.47 -22.70 15.44
C GLN C 27 15.63 -23.57 14.53
N GLY C 28 14.35 -23.24 14.34
CA GLY C 28 13.53 -24.00 13.42
C GLY C 28 14.01 -23.91 11.98
N ILE C 29 14.70 -22.81 11.64
CA ILE C 29 15.31 -22.65 10.32
C ILE C 29 16.57 -23.49 10.32
N THR C 30 16.49 -24.70 9.80
CA THR C 30 17.56 -25.68 9.93
C THR C 30 18.65 -25.45 8.89
N LYS C 31 19.78 -26.13 9.10
CA LYS C 31 20.88 -26.06 8.15
C LYS C 31 20.51 -26.58 6.76
N PRO C 32 19.84 -27.73 6.60
CA PRO C 32 19.47 -28.16 5.24
C PRO C 32 18.57 -27.18 4.51
N ALA C 33 17.69 -26.47 5.22
CA ALA C 33 16.79 -25.53 4.58
C ALA C 33 17.55 -24.38 3.95
N ILE C 34 18.60 -23.88 4.63
CA ILE C 34 19.36 -22.75 4.12
C ILE C 34 20.12 -23.14 2.85
N ARG C 35 20.63 -24.37 2.79
CA ARG C 35 21.37 -24.80 1.62
C ARG C 35 20.49 -24.84 0.38
N ARG C 36 19.22 -25.23 0.54
CA ARG C 36 18.31 -25.26 -0.59
C ARG C 36 18.07 -23.86 -1.15
N LEU C 37 17.96 -22.85 -0.28
CA LEU C 37 17.80 -21.48 -0.74
C LEU C 37 19.04 -21.02 -1.50
N ALA C 38 20.23 -21.43 -1.04
CA ALA C 38 21.46 -21.04 -1.72
C ALA C 38 21.58 -21.70 -3.09
N ARG C 39 21.12 -22.95 -3.21
CA ARG C 39 21.21 -23.65 -4.49
C ARG C 39 20.37 -22.97 -5.56
N ARG C 40 19.17 -22.51 -5.21
CA ARG C 40 18.36 -21.77 -6.17
C ARG C 40 19.02 -20.46 -6.56
N GLY C 41 19.79 -19.86 -5.65
CA GLY C 41 20.52 -18.64 -6.00
C GLY C 41 21.66 -18.90 -6.96
N GLY C 42 22.23 -20.10 -6.94
CA GLY C 42 23.31 -20.44 -7.85
C GLY C 42 24.65 -20.59 -7.17
N VAL C 43 24.65 -20.97 -5.89
CA VAL C 43 25.87 -21.09 -5.10
C VAL C 43 26.32 -22.54 -5.12
N LYS C 44 27.61 -22.75 -5.36
CA LYS C 44 28.17 -24.09 -5.49
C LYS C 44 28.80 -24.61 -4.20
N ARG C 45 29.52 -23.78 -3.46
CA ARG C 45 30.21 -24.19 -2.25
C ARG C 45 30.00 -23.16 -1.16
N ILE C 46 29.76 -23.64 0.07
CA ILE C 46 29.36 -22.80 1.19
C ILE C 46 30.33 -22.99 2.34
N SER C 47 30.62 -21.90 3.05
CA SER C 47 31.46 -21.95 4.23
C SER C 47 30.67 -22.49 5.42
N GLY C 48 31.30 -22.52 6.59
CA GLY C 48 30.69 -23.09 7.78
C GLY C 48 30.07 -22.08 8.72
N LEU C 49 30.38 -20.80 8.53
CA LEU C 49 29.87 -19.73 9.39
C LEU C 49 28.71 -18.98 8.76
N ILE C 50 28.24 -19.41 7.58
CA ILE C 50 27.17 -18.70 6.90
C ILE C 50 25.85 -18.86 7.66
N TYR C 51 25.61 -20.04 8.24
CA TYR C 51 24.30 -20.36 8.78
C TYR C 51 23.93 -19.44 9.95
N GLU C 52 24.90 -19.13 10.81
CA GLU C 52 24.59 -18.28 11.96
C GLU C 52 24.25 -16.86 11.54
N GLU C 53 24.95 -16.31 10.55
CA GLU C 53 24.68 -14.94 10.15
C GLU C 53 23.39 -14.80 9.35
N THR C 54 23.02 -15.85 8.61
CA THR C 54 21.78 -15.80 7.84
C THR C 54 20.56 -15.67 8.76
N ARG C 55 20.59 -16.35 9.90
CA ARG C 55 19.48 -16.26 10.85
C ARG C 55 19.33 -14.83 11.37
N GLY C 56 20.44 -14.14 11.58
CA GLY C 56 20.37 -12.76 12.04
C GLY C 56 19.76 -11.82 11.02
N VAL C 57 20.07 -12.02 9.74
CA VAL C 57 19.53 -11.16 8.69
C VAL C 57 18.03 -11.34 8.56
N LEU C 58 17.55 -12.59 8.61
CA LEU C 58 16.13 -12.86 8.46
C LEU C 58 15.33 -12.25 9.60
N LYS C 59 15.86 -12.30 10.82
CA LYS C 59 15.12 -11.79 11.98
C LYS C 59 14.90 -10.29 11.87
N VAL C 60 15.89 -9.55 11.39
CA VAL C 60 15.74 -8.10 11.24
C VAL C 60 14.69 -7.78 10.19
N PHE C 61 14.63 -8.56 9.11
CA PHE C 61 13.67 -8.30 8.05
C PHE C 61 12.23 -8.45 8.54
N LEU C 62 11.97 -9.47 9.35
CA LEU C 62 10.60 -9.73 9.80
C LEU C 62 10.11 -8.68 10.78
N GLU C 63 11.00 -8.15 11.62
CA GLU C 63 10.60 -7.19 12.63
C GLU C 63 10.05 -5.91 11.99
N ASN C 64 10.71 -5.43 10.94
CA ASN C 64 10.27 -4.19 10.30
C ASN C 64 8.90 -4.35 9.66
N VAL C 65 8.67 -5.48 8.99
CA VAL C 65 7.39 -5.69 8.30
C VAL C 65 6.26 -5.89 9.29
N ILE C 66 6.48 -6.71 10.32
CA ILE C 66 5.41 -7.03 11.27
C ILE C 66 5.02 -5.80 12.07
N ARG C 67 5.97 -4.93 12.40
CA ARG C 67 5.64 -3.75 13.19
C ARG C 67 4.64 -2.86 12.48
N ASP C 68 4.81 -2.67 11.16
CA ASP C 68 3.87 -1.84 10.42
C ASP C 68 2.52 -2.51 10.26
N ALA C 69 2.51 -3.85 10.13
CA ALA C 69 1.24 -4.56 9.95
C ALA C 69 0.34 -4.41 11.18
N VAL C 70 0.93 -4.49 12.37
CA VAL C 70 0.14 -4.33 13.59
C VAL C 70 -0.39 -2.91 13.71
N THR C 71 0.38 -1.91 13.25
CA THR C 71 -0.07 -0.52 13.35
C THR C 71 -1.34 -0.30 12.54
N TYR C 72 -1.44 -0.89 11.35
CA TYR C 72 -2.67 -0.79 10.57
C TYR C 72 -3.84 -1.45 11.29
N THR C 73 -3.59 -2.59 11.95
CA THR C 73 -4.66 -3.31 12.62
C THR C 73 -5.26 -2.50 13.76
N GLU C 74 -4.41 -1.84 14.55
CA GLU C 74 -4.91 -1.09 15.70
C GLU C 74 -5.73 0.12 15.26
N HIS C 75 -5.37 0.74 14.12
CA HIS C 75 -6.13 1.90 13.65
C HIS C 75 -7.56 1.52 13.30
N ALA C 76 -7.76 0.32 12.77
CA ALA C 76 -9.09 -0.15 12.40
C ALA C 76 -9.85 -0.77 13.56
N LYS C 77 -9.26 -0.82 14.76
CA LYS C 77 -9.90 -1.38 15.95
C LYS C 77 -10.29 -2.84 15.74
N ARG C 78 -9.32 -3.66 15.38
CA ARG C 78 -9.52 -5.09 15.20
C ARG C 78 -8.47 -5.85 15.99
N LYS C 79 -8.77 -7.13 16.23
CA LYS C 79 -7.86 -8.01 16.95
C LYS C 79 -7.32 -9.14 16.07
N THR C 80 -7.55 -9.07 14.76
CA THR C 80 -7.10 -10.09 13.83
C THR C 80 -6.31 -9.44 12.72
N VAL C 81 -5.16 -10.01 12.39
CA VAL C 81 -4.32 -9.52 11.30
C VAL C 81 -4.78 -10.17 10.01
N THR C 82 -5.14 -9.34 9.03
CA THR C 82 -5.65 -9.82 7.75
C THR C 82 -4.57 -9.80 6.69
N ALA C 83 -4.90 -10.36 5.53
CA ALA C 83 -3.94 -10.43 4.43
C ALA C 83 -3.68 -9.04 3.82
N MET C 84 -4.68 -8.17 3.80
CA MET C 84 -4.49 -6.85 3.21
C MET C 84 -3.56 -5.98 4.06
N ASP C 85 -3.50 -6.21 5.37
CA ASP C 85 -2.59 -5.45 6.21
C ASP C 85 -1.13 -5.74 5.84
N VAL C 86 -0.82 -6.98 5.53
CA VAL C 86 0.54 -7.33 5.11
C VAL C 86 0.87 -6.70 3.77
N VAL C 87 -0.07 -6.69 2.84
CA VAL C 87 0.18 -6.16 1.51
C VAL C 87 0.49 -4.66 1.58
N TYR C 88 -0.28 -3.93 2.39
CA TYR C 88 -0.04 -2.49 2.52
C TYR C 88 1.33 -2.21 3.14
N ALA C 89 1.73 -3.01 4.12
CA ALA C 89 3.02 -2.79 4.78
C ALA C 89 4.17 -3.00 3.81
N LEU C 90 4.11 -4.04 2.98
CA LEU C 90 5.17 -4.30 2.02
C LEU C 90 5.27 -3.18 0.99
N LYS C 91 4.13 -2.68 0.52
CA LYS C 91 4.15 -1.64 -0.51
C LYS C 91 4.77 -0.35 -0.01
N ARG C 92 4.61 -0.05 1.28
CA ARG C 92 5.17 1.18 1.82
C ARG C 92 6.69 1.16 1.78
N GLN C 93 7.29 -0.01 1.98
CA GLN C 93 8.74 -0.14 1.99
C GLN C 93 9.33 -0.27 0.59
N GLY C 94 8.51 -0.48 -0.44
CA GLY C 94 9.00 -0.54 -1.80
C GLY C 94 9.12 -1.94 -2.35
N ARG C 95 8.30 -2.86 -1.85
CA ARG C 95 8.28 -4.26 -2.31
C ARG C 95 6.84 -4.65 -2.59
N THR C 96 6.39 -4.39 -3.81
CA THR C 96 5.02 -4.71 -4.19
C THR C 96 4.88 -6.22 -4.39
N LEU C 97 3.72 -6.76 -3.98
CA LEU C 97 3.44 -8.19 -4.08
C LEU C 97 2.13 -8.40 -4.84
N TYR C 98 2.17 -9.28 -5.83
CA TYR C 98 0.99 -9.65 -6.62
C TYR C 98 0.53 -11.04 -6.25
N GLY C 99 -0.78 -11.21 -6.05
CA GLY C 99 -1.32 -12.54 -5.87
C GLY C 99 -2.28 -12.70 -4.72
N PHE C 100 -2.08 -11.97 -3.63
CA PHE C 100 -2.89 -12.08 -2.42
C PHE C 100 -3.79 -10.84 -2.34
N GLY C 101 -4.98 -10.96 -2.91
CA GLY C 101 -5.90 -9.84 -2.91
C GLY C 101 -5.30 -8.65 -3.64
N GLY C 102 -5.28 -7.51 -2.96
CA GLY C 102 -4.69 -6.30 -3.52
C GLY C 102 -5.53 -5.64 -4.59
N THR D 10 -21.15 43.55 21.43
CA THR D 10 -20.45 43.54 20.14
C THR D 10 -19.38 42.45 20.12
N ARG D 11 -18.52 42.50 19.10
CA ARG D 11 -17.46 41.53 18.94
C ARG D 11 -16.36 41.75 19.98
N ALA D 12 -15.90 40.65 20.58
CA ALA D 12 -14.96 40.71 21.70
C ALA D 12 -13.53 40.46 21.20
N LYS D 13 -12.96 41.49 20.60
CA LYS D 13 -11.57 41.49 20.14
C LYS D 13 -11.35 40.33 19.18
N ALA D 14 -10.12 39.81 19.12
CA ALA D 14 -9.79 38.71 18.23
C ALA D 14 -8.49 38.08 18.71
N LYS D 15 -8.51 36.77 18.97
CA LYS D 15 -7.33 36.03 19.38
C LYS D 15 -6.99 35.01 18.32
N THR D 16 -5.73 34.95 17.93
CA THR D 16 -5.29 33.95 16.97
C THR D 16 -5.35 32.56 17.59
N ARG D 17 -5.67 31.57 16.76
CA ARG D 17 -5.73 30.19 17.24
C ARG D 17 -4.37 29.67 17.69
N SER D 18 -3.28 30.26 17.20
CA SER D 18 -1.96 29.86 17.67
C SER D 18 -1.75 30.24 19.13
N SER D 19 -2.25 31.41 19.53
CA SER D 19 -2.07 31.86 20.91
C SER D 19 -2.83 30.97 21.89
N ARG D 20 -4.00 30.46 21.49
CA ARG D 20 -4.77 29.58 22.36
C ARG D 20 -4.06 28.26 22.63
N ALA D 21 -3.11 27.88 21.77
CA ALA D 21 -2.37 26.62 21.93
C ALA D 21 -0.93 26.84 22.33
N GLY D 22 -0.48 28.08 22.47
CA GLY D 22 0.90 28.36 22.87
C GLY D 22 1.93 27.90 21.86
N LEU D 23 1.71 28.20 20.59
CA LEU D 23 2.61 27.82 19.51
C LEU D 23 3.16 29.05 18.80
N GLN D 24 4.17 28.82 17.98
CA GLN D 24 4.76 29.87 17.15
C GLN D 24 4.40 29.77 15.68
N PHE D 25 4.20 28.55 15.16
CA PHE D 25 3.82 28.30 13.78
C PHE D 25 2.34 28.62 13.56
N PRO D 26 1.96 29.08 12.38
CA PRO D 26 0.56 29.45 12.13
C PRO D 26 -0.34 28.22 12.12
N VAL D 27 -1.57 28.43 12.57
CA VAL D 27 -2.60 27.40 12.55
C VAL D 27 -3.66 27.68 11.50
N GLY D 28 -4.04 28.94 11.31
CA GLY D 28 -5.00 29.28 10.28
C GLY D 28 -4.51 28.99 8.88
N ARG D 29 -3.23 29.29 8.62
CA ARG D 29 -2.66 29.03 7.31
C ARG D 29 -2.61 27.53 7.01
N VAL D 30 -2.24 26.72 8.00
CA VAL D 30 -2.14 25.28 7.80
C VAL D 30 -3.52 24.69 7.49
N HIS D 31 -4.57 25.22 8.14
CA HIS D 31 -5.91 24.72 7.90
C HIS D 31 -6.33 24.95 6.45
N ARG D 32 -6.01 26.12 5.90
CA ARG D 32 -6.37 26.42 4.52
C ARG D 32 -5.66 25.48 3.54
N LEU D 33 -4.38 25.19 3.79
CA LEU D 33 -3.63 24.34 2.87
C LEU D 33 -4.20 22.93 2.83
N LEU D 34 -4.65 22.42 3.98
CA LEU D 34 -5.25 21.09 4.02
C LEU D 34 -6.53 21.04 3.19
N ARG D 35 -7.37 22.07 3.29
CA ARG D 35 -8.66 22.03 2.60
C ARG D 35 -8.50 22.15 1.09
N LYS D 36 -7.63 23.05 0.64
CA LYS D 36 -7.40 23.24 -0.79
C LYS D 36 -6.18 22.46 -1.27
N GLY D 37 -6.22 21.14 -1.03
CA GLY D 37 -5.11 20.30 -1.42
C GLY D 37 -5.52 18.94 -1.95
N ASN D 38 -6.83 18.68 -2.03
CA ASN D 38 -7.36 17.41 -2.52
C ASN D 38 -6.82 16.23 -1.71
N TYR D 39 -7.01 16.30 -0.39
CA TYR D 39 -6.64 15.21 0.50
C TYR D 39 -7.85 14.42 0.98
N ALA D 40 -8.94 15.11 1.33
CA ALA D 40 -10.16 14.46 1.76
C ALA D 40 -11.31 15.43 1.57
N GLU D 41 -12.53 14.92 1.76
CA GLU D 41 -13.71 15.75 1.56
C GLU D 41 -13.88 16.75 2.70
N ARG D 42 -13.64 16.32 3.93
CA ARG D 42 -13.81 17.17 5.10
C ARG D 42 -12.56 17.12 5.96
N VAL D 43 -12.35 18.19 6.73
CA VAL D 43 -11.19 18.31 7.62
C VAL D 43 -11.70 18.64 9.02
N GLY D 44 -11.21 17.89 10.01
CA GLY D 44 -11.62 18.10 11.37
C GLY D 44 -11.04 19.37 11.97
N ALA D 45 -11.45 19.65 13.21
CA ALA D 45 -11.04 20.87 13.89
C ALA D 45 -9.70 20.75 14.59
N GLY D 46 -9.40 19.59 15.19
CA GLY D 46 -8.15 19.40 15.90
C GLY D 46 -6.98 18.98 15.04
N ALA D 47 -7.21 18.66 13.77
CA ALA D 47 -6.11 18.24 12.91
C ALA D 47 -5.07 19.34 12.68
N PRO D 48 -5.43 20.59 12.36
CA PRO D 48 -4.39 21.61 12.16
C PRO D 48 -3.54 21.86 13.40
N VAL D 49 -4.12 21.78 14.59
CA VAL D 49 -3.36 22.03 15.82
C VAL D 49 -2.31 20.95 16.03
N TYR D 50 -2.67 19.69 15.79
CA TYR D 50 -1.73 18.59 15.97
C TYR D 50 -0.56 18.70 15.00
N LEU D 51 -0.84 19.01 13.73
CA LEU D 51 0.19 19.01 12.72
C LEU D 51 1.16 20.18 12.90
N ALA D 52 0.65 21.33 13.35
CA ALA D 52 1.52 22.48 13.55
C ALA D 52 2.55 22.24 14.65
N ALA D 53 2.13 21.56 15.72
CA ALA D 53 3.05 21.30 16.83
C ALA D 53 4.18 20.37 16.40
N VAL D 54 3.88 19.38 15.56
CA VAL D 54 4.93 18.45 15.12
C VAL D 54 5.97 19.17 14.28
N LEU D 55 5.53 20.04 13.37
CA LEU D 55 6.48 20.75 12.51
C LEU D 55 7.40 21.65 13.32
N GLU D 56 6.86 22.30 14.35
CA GLU D 56 7.68 23.19 15.17
C GLU D 56 8.73 22.40 15.95
N TYR D 57 8.37 21.21 16.45
CA TYR D 57 9.32 20.42 17.22
C TYR D 57 10.53 20.01 16.39
N LEU D 58 10.30 19.58 15.15
CA LEU D 58 11.42 19.13 14.31
C LEU D 58 12.33 20.29 13.94
N THR D 59 11.75 21.48 13.72
CA THR D 59 12.57 22.63 13.36
C THR D 59 13.53 23.01 14.47
N ALA D 60 13.06 23.00 15.73
CA ALA D 60 13.92 23.34 16.84
C ALA D 60 15.01 22.30 17.06
N GLU D 61 14.75 21.05 16.65
CA GLU D 61 15.75 20.00 16.83
C GLU D 61 16.97 20.23 15.95
N ILE D 62 16.76 20.62 14.70
CA ILE D 62 17.87 20.84 13.78
C ILE D 62 18.64 22.10 14.15
N LEU D 63 17.91 23.18 14.48
CA LEU D 63 18.56 24.47 14.72
C LEU D 63 19.48 24.44 15.93
N GLU D 64 19.14 23.63 16.94
CA GLU D 64 20.00 23.54 18.12
C GLU D 64 21.35 22.93 17.78
N LEU D 65 21.36 21.87 16.98
CA LEU D 65 22.62 21.22 16.62
C LEU D 65 23.44 22.09 15.68
N ALA D 66 22.78 22.81 14.77
CA ALA D 66 23.51 23.68 13.85
C ALA D 66 24.19 24.83 14.59
N GLY D 67 23.54 25.37 15.61
CA GLY D 67 24.13 26.45 16.39
C GLY D 67 25.39 26.03 17.12
N ASN D 68 25.43 24.79 17.62
CA ASN D 68 26.63 24.29 18.28
C ASN D 68 27.81 24.20 17.32
N ALA D 69 27.55 23.75 16.08
CA ALA D 69 28.62 23.63 15.11
C ALA D 69 29.23 24.99 14.76
N ALA D 70 28.38 26.02 14.64
CA ALA D 70 28.88 27.36 14.33
C ALA D 70 29.75 27.89 15.46
N ARG D 71 29.38 27.60 16.71
CA ARG D 71 30.17 28.08 17.84
C ARG D 71 31.56 27.45 17.86
N ASP D 72 31.66 26.16 17.51
CA ASP D 72 32.96 25.51 17.48
C ASP D 72 33.88 26.13 16.43
N ASN D 73 33.31 26.67 15.36
CA ASN D 73 34.10 27.31 14.32
C ASN D 73 34.26 28.81 14.55
N LYS D 74 33.74 29.33 15.66
CA LYS D 74 33.90 30.74 16.05
C LYS D 74 33.25 31.68 15.02
N LYS D 75 31.96 31.46 14.79
CA LYS D 75 31.17 32.31 13.90
C LYS D 75 29.80 32.53 14.51
N THR D 76 29.16 33.63 14.10
CA THR D 76 27.86 34.01 14.65
C THR D 76 26.72 33.86 13.65
N ARG D 77 26.98 33.23 12.50
CA ARG D 77 25.95 32.99 11.52
C ARG D 77 25.98 31.52 11.08
N ILE D 78 24.85 31.05 10.57
CA ILE D 78 24.69 29.67 10.13
C ILE D 78 24.74 29.65 8.61
N ILE D 79 25.61 28.82 8.05
CA ILE D 79 25.76 28.67 6.61
C ILE D 79 25.42 27.24 6.24
N PRO D 80 25.21 26.90 4.96
CA PRO D 80 24.82 25.53 4.62
C PRO D 80 25.81 24.47 5.07
N ARG D 81 27.09 24.82 5.24
CA ARG D 81 28.06 23.84 5.71
C ARG D 81 27.71 23.35 7.12
N HIS D 82 27.25 24.25 7.98
CA HIS D 82 26.92 23.87 9.35
C HIS D 82 25.71 22.95 9.40
N LEU D 83 24.74 23.14 8.49
CA LEU D 83 23.58 22.26 8.46
C LEU D 83 23.98 20.84 8.07
N GLN D 84 24.95 20.70 7.16
CA GLN D 84 25.40 19.38 6.75
C GLN D 84 26.02 18.61 7.90
N LEU D 85 26.85 19.27 8.71
CA LEU D 85 27.52 18.60 9.81
C LEU D 85 26.52 18.08 10.84
N ALA D 86 25.50 18.88 11.15
CA ALA D 86 24.53 18.49 12.17
C ALA D 86 23.75 17.25 11.76
N VAL D 87 23.31 17.19 10.50
CA VAL D 87 22.46 16.09 10.07
C VAL D 87 23.25 14.79 10.01
N ARG D 88 24.45 14.83 9.41
CA ARG D 88 25.18 13.59 9.16
C ARG D 88 25.75 12.98 10.44
N ASN D 89 26.15 13.82 11.40
CA ASN D 89 26.68 13.30 12.66
C ASN D 89 25.61 12.61 13.48
N ASP D 90 24.40 13.17 13.51
CA ASP D 90 23.31 12.55 14.25
C ASP D 90 22.81 11.31 13.51
N GLU D 91 22.31 10.35 14.28
CA GLU D 91 21.89 9.07 13.73
C GLU D 91 20.42 9.08 13.29
N GLU D 92 19.54 9.67 14.12
CA GLU D 92 18.12 9.69 13.78
C GLU D 92 17.85 10.57 12.57
N LEU D 93 18.43 11.77 12.55
CA LEU D 93 18.19 12.70 11.44
C LEU D 93 18.80 12.18 10.15
N ASN D 94 19.93 11.48 10.24
CA ASN D 94 20.55 10.94 9.04
C ASN D 94 19.65 9.92 8.35
N LYS D 95 18.95 9.10 9.14
CA LYS D 95 18.06 8.10 8.56
C LYS D 95 16.84 8.75 7.92
N LEU D 96 16.34 9.84 8.51
CA LEU D 96 15.18 10.52 7.94
C LEU D 96 15.51 11.14 6.59
N LEU D 97 16.60 11.90 6.52
CA LEU D 97 17.04 12.52 5.28
C LEU D 97 18.13 11.65 4.63
N GLY D 98 17.71 10.50 4.14
CA GLY D 98 18.64 9.53 3.58
C GLY D 98 18.82 9.64 2.08
N ARG D 99 17.94 10.37 1.41
CA ARG D 99 17.99 10.55 -0.03
C ARG D 99 17.84 12.02 -0.39
N VAL D 100 18.49 12.90 0.37
CA VAL D 100 18.38 14.34 0.19
C VAL D 100 19.78 14.91 -0.01
N THR D 101 19.92 15.77 -1.01
CA THR D 101 21.17 16.46 -1.30
C THR D 101 21.05 17.92 -0.86
N ILE D 102 22.02 18.39 -0.09
CA ILE D 102 22.06 19.76 0.38
C ILE D 102 23.14 20.50 -0.41
N ALA D 103 22.76 21.58 -1.06
CA ALA D 103 23.69 22.32 -1.90
C ALA D 103 24.79 22.97 -1.07
N GLN D 104 26.02 22.90 -1.56
CA GLN D 104 27.19 23.48 -0.90
C GLN D 104 27.36 22.92 0.51
N GLY D 105 27.29 21.60 0.63
CA GLY D 105 27.40 20.96 1.92
C GLY D 105 28.75 20.30 2.18
N GLY D 106 29.30 19.63 1.17
CA GLY D 106 30.54 18.91 1.34
C GLY D 106 30.32 17.52 1.89
N VAL D 107 31.41 16.94 2.41
CA VAL D 107 31.41 15.60 2.96
C VAL D 107 32.13 15.61 4.31
N LEU D 108 31.88 14.55 5.09
CA LEU D 108 32.56 14.37 6.35
C LEU D 108 33.98 13.83 6.13
N PRO D 109 34.94 14.26 6.96
CA PRO D 109 36.29 13.72 6.85
C PRO D 109 36.34 12.25 7.24
N ASN D 110 36.91 11.42 6.36
CA ASN D 110 36.96 9.99 6.61
C ASN D 110 38.01 9.37 5.69
N ILE D 111 38.97 8.67 6.27
CA ILE D 111 40.02 7.99 5.52
C ILE D 111 40.14 6.56 6.03
N GLN D 112 40.18 5.60 5.11
CA GLN D 112 40.33 4.21 5.48
C GLN D 112 41.69 3.97 6.14
N SER D 113 41.71 3.05 7.10
CA SER D 113 42.91 2.85 7.91
C SER D 113 44.03 2.20 7.13
N VAL D 114 43.69 1.32 6.17
CA VAL D 114 44.72 0.59 5.45
C VAL D 114 45.58 1.52 4.59
N LEU D 115 45.01 2.66 4.17
CA LEU D 115 45.74 3.57 3.30
C LEU D 115 46.79 4.39 4.05
N LEU D 116 46.71 4.46 5.38
CA LEU D 116 47.63 5.28 6.14
C LEU D 116 49.03 4.69 6.12
N PRO D 117 50.06 5.53 6.20
CA PRO D 117 51.43 5.02 6.19
C PRO D 117 51.74 4.20 7.44
N LYS D 118 52.64 3.24 7.27
CA LYS D 118 53.04 2.37 8.38
C LYS D 118 54.56 2.27 8.48
N ARG E 30 2.63 38.54 -4.40
CA ARG E 30 2.62 38.19 -2.99
C ARG E 30 2.93 36.70 -2.80
N LYS E 31 4.13 36.42 -2.31
CA LYS E 31 4.58 35.06 -2.06
C LYS E 31 4.62 34.79 -0.56
N GLU E 32 4.42 33.53 -0.20
CA GLU E 32 4.37 33.10 1.20
C GLU E 32 5.53 32.17 1.51
N SER E 33 6.02 32.25 2.74
CA SER E 33 7.10 31.40 3.20
C SER E 33 7.03 31.31 4.72
N TYR E 34 7.86 30.42 5.28
CA TYR E 34 7.95 30.22 6.71
C TYR E 34 9.11 30.99 7.34
N ALA E 35 9.67 31.97 6.63
CA ALA E 35 10.87 32.64 7.11
C ALA E 35 10.62 33.38 8.42
N ILE E 36 9.45 34.01 8.56
CA ILE E 36 9.15 34.77 9.78
C ILE E 36 9.09 33.83 10.98
N TYR E 37 8.45 32.67 10.83
CA TYR E 37 8.25 31.78 11.96
C TYR E 37 9.50 31.01 12.35
N VAL E 38 10.35 30.67 11.38
CA VAL E 38 11.59 29.96 11.69
C VAL E 38 12.51 30.86 12.51
N TYR E 39 12.50 32.16 12.23
CA TYR E 39 13.38 33.08 12.96
C TYR E 39 12.98 33.20 14.42
N LYS E 40 11.69 33.11 14.72
CA LYS E 40 11.24 33.18 16.11
C LYS E 40 11.75 32.00 16.93
N VAL E 41 11.74 30.80 16.34
CA VAL E 41 12.20 29.61 17.05
C VAL E 41 13.69 29.71 17.35
N LEU E 42 14.46 30.30 16.42
CA LEU E 42 15.90 30.40 16.60
C LEU E 42 16.26 31.24 17.82
N LYS E 43 15.52 32.32 18.06
CA LYS E 43 15.81 33.20 19.19
C LYS E 43 15.54 32.55 20.53
N GLN E 44 14.71 31.51 20.58
CA GLN E 44 14.47 30.81 21.83
C GLN E 44 15.63 29.88 22.18
N VAL E 45 16.23 29.24 21.17
CA VAL E 45 17.31 28.29 21.43
C VAL E 45 18.64 29.01 21.64
N HIS E 46 19.09 29.74 20.63
CA HIS E 46 20.32 30.54 20.73
C HIS E 46 19.95 32.01 20.58
N PRO E 47 19.89 32.77 21.67
CA PRO E 47 19.38 34.15 21.58
C PRO E 47 20.24 35.11 20.77
N ASP E 48 21.50 34.79 20.48
CA ASP E 48 22.42 35.73 19.85
C ASP E 48 23.15 35.09 18.68
N THR E 49 22.40 34.43 17.80
CA THR E 49 22.95 33.81 16.61
C THR E 49 22.09 34.18 15.41
N GLY E 50 22.74 34.52 14.29
CA GLY E 50 22.06 34.86 13.06
C GLY E 50 22.02 33.71 12.07
N ILE E 51 21.53 34.03 10.87
CA ILE E 51 21.41 33.04 9.80
C ILE E 51 21.49 33.78 8.47
N SER E 52 22.09 33.12 7.48
CA SER E 52 22.27 33.71 6.16
C SER E 52 21.10 33.38 5.26
N SER E 53 21.03 34.09 4.13
CA SER E 53 19.90 33.93 3.21
C SER E 53 19.90 32.57 2.55
N LYS E 54 21.08 32.06 2.18
CA LYS E 54 21.16 30.75 1.55
C LYS E 54 20.67 29.65 2.48
N ALA E 55 21.06 29.72 3.76
CA ALA E 55 20.60 28.73 4.72
C ALA E 55 19.11 28.84 5.00
N MET E 56 18.56 30.04 4.87
CA MET E 56 17.13 30.24 5.08
C MET E 56 16.31 29.50 4.03
N SER E 57 16.80 29.47 2.79
CA SER E 57 16.08 28.76 1.74
C SER E 57 16.04 27.25 2.00
N ILE E 58 17.13 26.69 2.52
CA ILE E 58 17.17 25.25 2.79
C ILE E 58 16.17 24.87 3.87
N MET E 59 16.08 25.68 4.93
CA MET E 59 15.11 25.40 5.98
C MET E 59 13.68 25.52 5.47
N ASN E 60 13.43 26.44 4.54
CA ASN E 60 12.09 26.58 3.98
C ASN E 60 11.67 25.34 3.20
N SER E 61 12.61 24.78 2.43
CA SER E 61 12.29 23.57 1.67
C SER E 61 12.09 22.36 2.57
N PHE E 62 12.76 22.35 3.73
CA PHE E 62 12.62 21.23 4.66
C PHE E 62 11.21 21.13 5.21
N VAL E 63 10.59 22.26 5.53
CA VAL E 63 9.25 22.25 6.11
C VAL E 63 8.23 21.77 5.09
N ASN E 64 8.33 22.23 3.84
CA ASN E 64 7.38 21.82 2.82
C ASN E 64 7.48 20.33 2.54
N ASP E 65 8.69 19.78 2.57
CA ASP E 65 8.89 18.37 2.27
C ASP E 65 8.18 17.48 3.30
N VAL E 66 8.33 17.81 4.59
CA VAL E 66 7.72 17.00 5.64
C VAL E 66 6.21 17.16 5.65
N PHE E 67 5.72 18.34 5.25
CA PHE E 67 4.27 18.57 5.22
C PHE E 67 3.59 17.61 4.26
N GLU E 68 4.19 17.36 3.10
CA GLU E 68 3.54 16.52 2.10
C GLU E 68 3.59 15.05 2.48
N ARG E 69 4.65 14.62 3.16
CA ARG E 69 4.75 13.22 3.56
C ARG E 69 3.64 12.85 4.54
N ILE E 70 3.45 13.67 5.57
CA ILE E 70 2.45 13.36 6.59
C ILE E 70 1.04 13.51 6.03
N ALA E 71 0.79 14.60 5.29
CA ALA E 71 -0.55 14.81 4.75
C ALA E 71 -0.92 13.75 3.73
N GLY E 72 0.05 13.35 2.90
CA GLY E 72 -0.24 12.32 1.91
C GLY E 72 -0.54 10.97 2.52
N GLU E 73 0.20 10.59 3.55
CA GLU E 73 -0.03 9.30 4.21
C GLU E 73 -1.39 9.26 4.90
N ALA E 74 -1.78 10.36 5.56
CA ALA E 74 -3.06 10.40 6.25
C ALA E 74 -4.23 10.28 5.28
N SER E 75 -4.04 10.70 4.03
CA SER E 75 -5.12 10.59 3.04
C SER E 75 -5.42 9.13 2.73
N ARG E 76 -4.40 8.28 2.67
CA ARG E 76 -4.63 6.88 2.34
C ARG E 76 -5.27 6.11 3.48
N LEU E 77 -5.01 6.51 4.72
CA LEU E 77 -5.60 5.82 5.86
C LEU E 77 -7.13 5.96 5.85
N ALA E 78 -7.63 7.15 5.53
CA ALA E 78 -9.07 7.34 5.47
C ALA E 78 -9.70 6.55 4.33
N HIS E 79 -9.00 6.46 3.20
CA HIS E 79 -9.53 5.74 2.05
C HIS E 79 -9.67 4.25 2.33
N TYR E 80 -8.71 3.66 3.05
CA TYR E 80 -8.78 2.24 3.35
C TYR E 80 -9.98 1.90 4.22
N ASN E 81 -10.28 2.74 5.20
CA ASN E 81 -11.34 2.48 6.16
C ASN E 81 -12.67 3.10 5.74
N LYS E 82 -12.75 3.68 4.55
CA LYS E 82 -13.99 4.23 4.01
C LYS E 82 -14.55 5.35 4.91
N ARG E 83 -13.74 6.39 5.08
CA ARG E 83 -14.11 7.57 5.84
C ARG E 83 -13.97 8.80 4.95
N SER E 84 -14.59 9.90 5.40
CA SER E 84 -14.60 11.14 4.63
C SER E 84 -13.97 12.30 5.39
N THR E 85 -13.34 12.04 6.53
CA THR E 85 -12.83 13.11 7.39
C THR E 85 -11.42 12.76 7.84
N ILE E 86 -10.57 13.79 7.98
CA ILE E 86 -9.23 13.65 8.53
C ILE E 86 -9.25 14.26 9.93
N THR E 87 -8.93 13.44 10.93
CA THR E 87 -8.98 13.84 12.32
C THR E 87 -7.59 13.73 12.95
N SER E 88 -7.53 13.90 14.27
CA SER E 88 -6.26 13.81 14.98
C SER E 88 -5.71 12.38 14.97
N ARG E 89 -6.58 11.38 14.91
CA ARG E 89 -6.11 10.00 14.91
C ARG E 89 -5.30 9.69 13.65
N GLU E 90 -5.74 10.20 12.50
CA GLU E 90 -4.99 9.97 11.26
C GLU E 90 -3.61 10.61 11.33
N ILE E 91 -3.53 11.82 11.89
CA ILE E 91 -2.24 12.50 12.00
C ILE E 91 -1.32 11.74 12.94
N GLN E 92 -1.85 11.26 14.07
CA GLN E 92 -1.02 10.56 15.05
C GLN E 92 -0.48 9.25 14.48
N THR E 93 -1.32 8.49 13.79
CA THR E 93 -0.87 7.21 13.23
C THR E 93 0.18 7.42 12.14
N ALA E 94 0.01 8.44 11.30
CA ALA E 94 0.96 8.68 10.22
C ALA E 94 2.33 9.06 10.75
N VAL E 95 2.39 9.75 11.89
CA VAL E 95 3.67 10.12 12.47
C VAL E 95 4.46 8.87 12.88
N ARG E 96 3.78 7.90 13.50
CA ARG E 96 4.47 6.70 13.96
C ARG E 96 4.98 5.85 12.80
N LEU E 97 4.36 5.95 11.63
CA LEU E 97 4.82 5.18 10.48
C LEU E 97 6.06 5.78 9.85
N LEU E 98 6.23 7.10 9.91
CA LEU E 98 7.31 7.77 9.20
C LEU E 98 8.55 7.99 10.07
N LEU E 99 8.38 8.70 11.19
CA LEU E 99 9.54 9.07 12.00
C LEU E 99 10.14 7.83 12.66
N PRO E 100 11.47 7.72 12.70
CA PRO E 100 12.10 6.53 13.28
C PRO E 100 12.46 6.67 14.75
N GLY E 101 12.32 5.57 15.47
CA GLY E 101 12.88 5.48 16.81
C GLY E 101 12.29 6.49 17.79
N GLU E 102 13.19 7.20 18.48
CA GLU E 102 12.76 8.10 19.55
C GLU E 102 12.20 9.42 19.03
N LEU E 103 12.42 9.74 17.76
CA LEU E 103 11.81 10.95 17.21
C LEU E 103 10.29 10.87 17.26
N ALA E 104 9.74 9.69 16.95
CA ALA E 104 8.30 9.50 17.02
C ALA E 104 7.80 9.59 18.45
N LYS E 105 8.58 9.08 19.42
CA LYS E 105 8.13 9.08 20.80
C LYS E 105 7.98 10.50 21.34
N HIS E 106 8.93 11.37 21.05
CA HIS E 106 8.84 12.75 21.53
C HIS E 106 7.82 13.58 20.74
N ALA E 107 7.64 13.28 19.46
CA ALA E 107 6.71 14.04 18.64
C ALA E 107 5.27 13.84 19.09
N VAL E 108 4.93 12.61 19.51
CA VAL E 108 3.57 12.32 19.93
C VAL E 108 3.20 13.12 21.17
N SER E 109 4.12 13.19 22.14
CA SER E 109 3.84 13.92 23.37
C SER E 109 3.62 15.41 23.12
N GLU E 110 4.41 15.98 22.20
CA GLU E 110 4.25 17.40 21.87
C GLU E 110 2.88 17.67 21.25
N GLY E 111 2.45 16.81 20.33
CA GLY E 111 1.16 17.01 19.68
C GLY E 111 -0.01 16.85 20.65
N THR E 112 0.05 15.83 21.50
CA THR E 112 -1.03 15.59 22.45
C THR E 112 -1.15 16.74 23.45
N LYS E 113 -0.01 17.27 23.89
CA LYS E 113 -0.02 18.34 24.89
C LYS E 113 -0.69 19.59 24.34
N ALA E 114 -0.51 19.88 23.05
CA ALA E 114 -1.09 21.10 22.48
C ALA E 114 -2.60 21.00 22.34
N VAL E 115 -3.11 19.83 21.95
CA VAL E 115 -4.54 19.68 21.68
C VAL E 115 -5.35 19.88 22.96
N THR E 116 -4.91 19.26 24.07
CA THR E 116 -5.67 19.39 25.31
C THR E 116 -5.68 20.81 25.84
N LYS E 117 -4.57 21.54 25.66
CA LYS E 117 -4.55 22.95 26.07
C LYS E 117 -5.48 23.79 25.23
N TYR E 118 -5.55 23.51 23.92
CA TYR E 118 -6.43 24.26 23.03
C TYR E 118 -7.90 24.03 23.38
N THR E 119 -8.26 22.79 23.72
CA THR E 119 -9.65 22.48 24.03
C THR E 119 -10.10 23.21 25.31
N SER E 120 -9.23 23.28 26.31
CA SER E 120 -9.59 23.95 27.55
C SER E 120 -9.89 25.43 27.33
N ALA E 121 -9.08 26.09 26.52
CA ALA E 121 -9.27 27.52 26.24
C ALA E 121 -10.04 27.72 24.93
N PRO F 38 67.26 18.99 -3.93
CA PRO F 38 66.07 18.50 -4.64
C PRO F 38 64.89 18.26 -3.70
N HIS F 39 65.07 17.37 -2.73
CA HIS F 39 64.06 17.07 -1.71
C HIS F 39 62.76 16.60 -2.34
N ARG F 40 62.82 15.43 -2.97
CA ARG F 40 61.64 14.81 -3.54
C ARG F 40 60.87 14.06 -2.47
N TYR F 41 59.56 14.28 -2.42
CA TYR F 41 58.70 13.50 -1.54
C TYR F 41 58.51 12.09 -2.10
N ARG F 42 58.41 11.12 -1.19
CA ARG F 42 58.20 9.75 -1.61
C ARG F 42 56.78 9.59 -2.17
N PRO F 43 56.59 8.65 -3.10
CA PRO F 43 55.26 8.48 -3.72
C PRO F 43 54.20 8.17 -2.69
N GLY F 44 53.03 8.79 -2.86
CA GLY F 44 51.91 8.63 -1.96
C GLY F 44 51.81 9.69 -0.88
N THR F 45 52.89 10.42 -0.61
CA THR F 45 52.85 11.44 0.43
C THR F 45 51.98 12.62 0.01
N VAL F 46 52.17 13.12 -1.21
CA VAL F 46 51.39 14.26 -1.68
C VAL F 46 49.93 13.88 -1.87
N ALA F 47 49.67 12.63 -2.28
CA ALA F 47 48.30 12.19 -2.52
C ALA F 47 47.46 12.25 -1.25
N LEU F 48 48.05 11.83 -0.12
CA LEU F 48 47.32 11.92 1.15
C LEU F 48 47.07 13.36 1.54
N ARG F 49 47.98 14.26 1.16
CA ARG F 49 47.82 15.68 1.51
C ARG F 49 46.64 16.29 0.75
N GLU F 50 46.41 15.85 -0.48
CA GLU F 50 45.31 16.40 -1.26
C GLU F 50 43.96 15.88 -0.78
N ILE F 51 43.92 14.67 -0.20
CA ILE F 51 42.66 14.14 0.29
C ILE F 51 42.12 15.00 1.44
N ARG F 52 43.01 15.40 2.36
CA ARG F 52 42.58 16.24 3.46
C ARG F 52 42.13 17.62 3.00
N ARG F 53 42.77 18.15 1.96
CA ARG F 53 42.43 19.49 1.48
C ARG F 53 41.03 19.53 0.87
N TYR F 54 40.70 18.55 0.03
CA TYR F 54 39.44 18.60 -0.71
C TYR F 54 38.25 18.05 0.08
N GLN F 55 38.49 17.43 1.23
CA GLN F 55 37.41 17.03 2.13
C GLN F 55 37.08 18.12 3.15
N LYS F 56 37.72 19.28 3.04
CA LYS F 56 37.51 20.38 3.98
C LYS F 56 36.80 21.57 3.37
N SER F 57 36.69 21.63 2.05
CA SER F 57 36.06 22.75 1.35
C SER F 57 34.71 22.33 0.77
N THR F 58 34.02 23.30 0.18
CA THR F 58 32.68 23.09 -0.36
C THR F 58 32.51 23.67 -1.76
N GLU F 59 33.61 23.92 -2.48
CA GLU F 59 33.53 24.55 -3.78
C GLU F 59 33.28 23.51 -4.87
N LEU F 60 33.00 24.01 -6.07
CA LEU F 60 32.84 23.14 -7.23
C LEU F 60 34.20 22.84 -7.87
N LEU F 61 34.29 21.67 -8.49
CA LEU F 61 35.57 21.14 -8.96
C LEU F 61 35.65 21.00 -10.48
N ILE F 62 34.66 21.52 -11.21
CA ILE F 62 34.64 21.45 -12.66
C ILE F 62 34.53 22.87 -13.22
N ARG F 63 35.30 23.16 -14.26
CA ARG F 63 35.23 24.46 -14.91
C ARG F 63 33.83 24.73 -15.41
N LYS F 64 33.34 25.94 -15.17
CA LYS F 64 31.94 26.26 -15.44
C LYS F 64 31.66 26.36 -16.92
N LEU F 65 32.52 27.06 -17.67
CA LEU F 65 32.26 27.30 -19.08
C LEU F 65 32.22 26.02 -19.91
N PRO F 66 33.18 25.09 -19.81
CA PRO F 66 33.07 23.85 -20.58
C PRO F 66 31.85 23.02 -20.25
N PHE F 67 31.40 23.05 -18.99
CA PHE F 67 30.24 22.25 -18.60
C PHE F 67 28.97 22.77 -19.25
N GLN F 68 28.87 24.09 -19.43
CA GLN F 68 27.66 24.67 -20.01
C GLN F 68 27.48 24.25 -21.46
N ARG F 69 28.58 24.18 -22.22
CA ARG F 69 28.46 23.78 -23.62
C ARG F 69 28.00 22.34 -23.76
N LEU F 70 28.40 21.46 -22.85
CA LEU F 70 27.98 20.06 -22.91
C LEU F 70 26.47 19.93 -22.72
N VAL F 71 25.89 20.73 -21.82
CA VAL F 71 24.46 20.63 -21.54
C VAL F 71 23.65 21.03 -22.77
N ARG F 72 24.06 22.11 -23.45
CA ARG F 72 23.30 22.58 -24.60
C ARG F 72 23.37 21.60 -25.77
N GLU F 73 24.51 20.93 -25.93
CA GLU F 73 24.65 19.98 -27.03
C GLU F 73 23.70 18.79 -26.88
N ILE F 74 23.56 18.28 -25.66
CA ILE F 74 22.70 17.11 -25.44
C ILE F 74 21.25 17.46 -25.73
N ALA F 75 20.80 18.65 -25.32
CA ALA F 75 19.40 19.02 -25.46
C ALA F 75 18.98 19.25 -26.91
N GLN F 76 19.92 19.31 -27.85
CA GLN F 76 19.56 19.54 -29.25
C GLN F 76 18.71 18.40 -29.80
N ASP F 77 18.94 17.17 -29.34
CA ASP F 77 18.21 16.03 -29.87
C ASP F 77 16.73 16.11 -29.55
N PHE F 78 16.38 16.49 -28.32
CA PHE F 78 14.98 16.46 -27.92
C PHE F 78 14.19 17.61 -28.53
N LYS F 79 14.77 18.81 -28.54
CA LYS F 79 14.10 19.96 -29.12
C LYS F 79 15.14 20.99 -29.53
N THR F 80 14.84 21.72 -30.60
CA THR F 80 15.75 22.73 -31.13
C THR F 80 15.33 24.12 -30.69
N ASP F 81 16.30 25.04 -30.64
CA ASP F 81 16.09 26.43 -30.27
C ASP F 81 15.50 26.54 -28.86
N LEU F 82 16.31 26.11 -27.90
CA LEU F 82 15.96 26.17 -26.48
C LEU F 82 16.80 27.23 -25.78
N ARG F 83 16.24 27.81 -24.73
CA ARG F 83 16.92 28.79 -23.90
C ARG F 83 16.91 28.34 -22.45
N PHE F 84 17.97 28.67 -21.72
CA PHE F 84 18.15 28.25 -20.34
C PHE F 84 18.25 29.45 -19.41
N GLN F 85 17.71 29.29 -18.21
CA GLN F 85 17.96 30.26 -17.16
C GLN F 85 19.35 30.03 -16.55
N SER F 86 19.90 31.10 -15.97
CA SER F 86 21.22 31.00 -15.37
C SER F 86 21.24 30.02 -14.21
N SER F 87 20.21 30.06 -13.36
CA SER F 87 20.17 29.17 -12.20
C SER F 87 19.79 27.74 -12.57
N ALA F 88 19.20 27.53 -13.75
CA ALA F 88 18.87 26.18 -14.18
C ALA F 88 20.13 25.36 -14.42
N VAL F 89 21.15 25.97 -15.02
CA VAL F 89 22.40 25.25 -15.28
C VAL F 89 23.12 24.95 -13.98
N MET F 90 23.07 25.87 -13.01
CA MET F 90 23.74 25.64 -11.74
C MET F 90 23.13 24.49 -10.97
N ALA F 91 21.82 24.28 -11.09
CA ALA F 91 21.19 23.15 -10.41
C ALA F 91 21.70 21.83 -10.94
N LEU F 92 21.90 21.73 -12.27
CA LEU F 92 22.40 20.50 -12.86
C LEU F 92 23.81 20.17 -12.39
N GLN F 93 24.67 21.18 -12.27
CA GLN F 93 26.05 20.92 -11.89
C GLN F 93 26.16 20.47 -10.44
N GLU F 94 25.31 21.00 -9.56
CA GLU F 94 25.31 20.57 -8.16
C GLU F 94 24.95 19.10 -8.03
N ALA F 95 23.92 18.66 -8.76
CA ALA F 95 23.47 17.28 -8.65
C ALA F 95 24.45 16.31 -9.32
N SER F 96 25.12 16.75 -10.38
CA SER F 96 26.02 15.87 -11.10
C SER F 96 27.24 15.51 -10.26
N GLU F 97 27.86 16.51 -9.63
CA GLU F 97 29.06 16.25 -8.86
C GLU F 97 28.77 15.39 -7.63
N ALA F 98 27.62 15.61 -6.99
CA ALA F 98 27.25 14.79 -5.84
C ALA F 98 27.10 13.33 -6.23
N TYR F 99 26.57 13.07 -7.44
CA TYR F 99 26.42 11.69 -7.90
C TYR F 99 27.77 11.01 -8.10
N LEU F 100 28.74 11.71 -8.68
CA LEU F 100 30.03 11.10 -8.98
C LEU F 100 30.84 10.85 -7.72
N VAL F 101 30.80 11.78 -6.75
CA VAL F 101 31.57 11.61 -5.53
C VAL F 101 31.09 10.39 -4.76
N ALA F 102 29.77 10.21 -4.65
CA ALA F 102 29.24 9.05 -3.95
C ALA F 102 29.58 7.75 -4.66
N LEU F 103 29.72 7.78 -5.98
CA LEU F 103 30.05 6.58 -6.72
C LEU F 103 31.48 6.11 -6.44
N PHE F 104 32.40 7.06 -6.27
CA PHE F 104 33.80 6.68 -6.04
C PHE F 104 33.99 6.05 -4.67
N GLU F 105 33.14 6.38 -3.70
CA GLU F 105 33.26 5.75 -2.39
C GLU F 105 32.95 4.25 -2.46
N ASP F 106 31.91 3.88 -3.22
CA ASP F 106 31.59 2.47 -3.37
C ASP F 106 32.65 1.74 -4.19
N THR F 107 33.22 2.43 -5.19
CA THR F 107 34.29 1.83 -5.98
C THR F 107 35.50 1.53 -5.12
N ASN F 108 35.82 2.42 -4.19
CA ASN F 108 37.00 2.23 -3.34
C ASN F 108 36.86 0.99 -2.47
N LEU F 109 35.65 0.74 -1.95
CA LEU F 109 35.43 -0.42 -1.08
C LEU F 109 35.62 -1.73 -1.84
N CYS F 110 35.21 -1.77 -3.10
CA CYS F 110 35.35 -3.01 -3.88
C CYS F 110 36.81 -3.35 -4.13
N ALA F 111 37.65 -2.33 -4.34
CA ALA F 111 39.07 -2.58 -4.58
C ALA F 111 39.74 -3.18 -3.36
N ILE F 112 39.42 -2.68 -2.17
CA ILE F 112 40.02 -3.21 -0.95
C ILE F 112 39.58 -4.64 -0.69
N HIS F 113 38.35 -4.98 -1.07
CA HIS F 113 37.84 -6.33 -0.86
C HIS F 113 38.68 -7.36 -1.62
N ALA F 114 39.34 -6.94 -2.70
CA ALA F 114 40.19 -7.82 -3.49
C ALA F 114 41.67 -7.66 -3.17
N LYS F 115 42.00 -6.97 -2.07
CA LYS F 115 43.38 -6.77 -1.63
C LYS F 115 44.20 -6.02 -2.67
N ARG F 116 43.72 -4.82 -2.99
CA ARG F 116 44.42 -3.91 -3.90
C ARG F 116 44.28 -2.49 -3.36
N VAL F 117 45.02 -1.58 -3.99
CA VAL F 117 44.99 -0.16 -3.64
C VAL F 117 44.47 0.70 -4.79
N THR F 118 44.89 0.40 -6.02
CA THR F 118 44.41 1.14 -7.18
C THR F 118 43.00 0.69 -7.55
N ILE F 119 42.25 1.60 -8.15
CA ILE F 119 40.91 1.31 -8.65
C ILE F 119 40.99 1.04 -10.15
N MET F 120 40.16 0.13 -10.63
CA MET F 120 40.19 -0.34 -12.00
C MET F 120 38.78 -0.32 -12.57
N PRO F 121 38.64 -0.34 -13.90
CA PRO F 121 37.30 -0.26 -14.51
C PRO F 121 36.34 -1.35 -14.04
N LYS F 122 36.83 -2.57 -13.78
CA LYS F 122 35.92 -3.63 -13.33
C LYS F 122 35.35 -3.36 -11.95
N ASP F 123 35.96 -2.48 -11.16
CA ASP F 123 35.39 -2.12 -9.87
C ASP F 123 34.16 -1.24 -10.02
N ILE F 124 34.17 -0.33 -11.00
CA ILE F 124 33.01 0.52 -11.23
C ILE F 124 31.83 -0.31 -11.69
N GLN F 125 32.07 -1.29 -12.57
CA GLN F 125 30.98 -2.09 -13.12
C GLN F 125 30.30 -2.92 -12.03
N LEU F 126 31.08 -3.48 -11.10
CA LEU F 126 30.48 -4.26 -10.02
C LEU F 126 29.61 -3.40 -9.12
N ALA F 127 30.06 -2.18 -8.81
CA ALA F 127 29.29 -1.32 -7.92
C ALA F 127 27.94 -0.95 -8.52
N ARG F 128 27.90 -0.67 -9.82
CA ARG F 128 26.63 -0.31 -10.45
C ARG F 128 25.70 -1.52 -10.54
N ARG F 129 26.26 -2.71 -10.73
CA ARG F 129 25.43 -3.91 -10.83
C ARG F 129 24.72 -4.20 -9.52
N ILE F 130 25.47 -4.16 -8.40
CA ILE F 130 24.87 -4.40 -7.09
C ILE F 130 23.86 -3.32 -6.75
N ARG F 131 24.18 -2.07 -7.08
CA ARG F 131 23.31 -0.95 -6.72
C ARG F 131 21.96 -1.06 -7.43
N GLY F 132 21.95 -1.55 -8.66
CA GLY F 132 20.71 -1.73 -9.41
C GLY F 132 20.59 -0.88 -10.65
N GLU F 133 21.59 -0.07 -10.99
CA GLU F 133 21.50 0.79 -12.18
C GLU F 133 21.64 -0.02 -13.45
N ARG F 134 22.55 -0.99 -13.48
CA ARG F 134 22.76 -1.82 -14.65
C ARG F 134 21.82 -3.02 -14.66
N VAL G 21 26.18 24.31 -34.64
CA VAL G 21 26.04 23.00 -34.04
C VAL G 21 27.26 22.68 -33.21
N LEU G 22 27.05 22.40 -31.93
CA LEU G 22 28.15 22.02 -31.05
C LEU G 22 28.50 20.54 -31.24
N ARG G 23 29.78 20.22 -31.06
CA ARG G 23 30.23 18.85 -31.23
C ARG G 23 31.52 18.64 -30.45
N ASP G 24 31.71 17.40 -30.00
CA ASP G 24 32.94 16.98 -29.31
C ASP G 24 33.22 17.85 -28.08
N ASN G 25 32.19 18.07 -27.27
CA ASN G 25 32.34 18.81 -26.03
C ASN G 25 32.51 17.91 -24.82
N ILE G 26 32.51 16.59 -25.00
CA ILE G 26 32.72 15.68 -23.88
C ILE G 26 34.16 15.73 -23.39
N GLN G 27 35.10 16.18 -24.24
CA GLN G 27 36.49 16.29 -23.83
C GLN G 27 36.75 17.48 -22.93
N GLY G 28 35.76 18.34 -22.71
CA GLY G 28 35.93 19.44 -21.77
C GLY G 28 36.15 18.98 -20.35
N ILE G 29 35.65 17.79 -20.01
CA ILE G 29 35.89 17.19 -18.70
C ILE G 29 37.29 16.61 -18.73
N THR G 30 38.25 17.37 -18.22
CA THR G 30 39.66 17.04 -18.38
C THR G 30 40.12 16.00 -17.35
N LYS G 31 41.30 15.47 -17.59
CA LYS G 31 41.90 14.51 -16.66
C LYS G 31 42.14 15.10 -15.28
N PRO G 32 42.71 16.30 -15.11
CA PRO G 32 42.88 16.85 -13.76
C PRO G 32 41.57 17.02 -13.00
N ALA G 33 40.48 17.35 -13.69
CA ALA G 33 39.21 17.55 -13.00
C ALA G 33 38.70 16.26 -12.39
N ILE G 34 38.87 15.13 -13.08
CA ILE G 34 38.38 13.85 -12.56
C ILE G 34 39.16 13.44 -11.32
N ARG G 35 40.45 13.72 -11.28
CA ARG G 35 41.26 13.34 -10.12
C ARG G 35 40.81 14.08 -8.87
N ARG G 36 40.41 15.35 -9.01
CA ARG G 36 39.94 16.11 -7.87
C ARG G 36 38.66 15.50 -7.28
N LEU G 37 37.76 15.03 -8.15
CA LEU G 37 36.55 14.37 -7.67
C LEU G 37 36.88 13.08 -6.93
N ALA G 38 37.88 12.35 -7.41
CA ALA G 38 38.27 11.11 -6.74
C ALA G 38 38.91 11.37 -5.39
N ARG G 39 39.68 12.46 -5.27
CA ARG G 39 40.33 12.77 -4.01
C ARG G 39 39.32 13.05 -2.91
N ARG G 40 38.25 13.80 -3.24
CA ARG G 40 37.20 14.04 -2.25
C ARG G 40 36.50 12.74 -1.85
N GLY G 41 36.43 11.78 -2.77
CA GLY G 41 35.85 10.49 -2.44
C GLY G 41 36.72 9.68 -1.49
N GLY G 42 38.03 9.89 -1.54
CA GLY G 42 38.94 9.20 -0.65
C GLY G 42 39.82 8.17 -1.35
N VAL G 43 40.11 8.41 -2.62
CA VAL G 43 40.89 7.48 -3.44
C VAL G 43 42.34 7.93 -3.45
N LYS G 44 43.25 6.98 -3.23
CA LYS G 44 44.67 7.28 -3.13
C LYS G 44 45.43 7.08 -4.44
N ARG G 45 45.13 6.01 -5.18
CA ARG G 45 45.84 5.69 -6.40
C ARG G 45 44.85 5.29 -7.49
N ILE G 46 45.10 5.76 -8.70
CA ILE G 46 44.15 5.63 -9.81
C ILE G 46 44.84 4.95 -10.99
N SER G 47 44.10 4.09 -11.69
CA SER G 47 44.59 3.44 -12.89
C SER G 47 44.56 4.41 -14.06
N GLY G 48 44.93 3.91 -15.24
CA GLY G 48 45.02 4.75 -16.42
C GLY G 48 43.82 4.69 -17.35
N LEU G 49 42.94 3.71 -17.15
CA LEU G 49 41.77 3.52 -17.98
C LEU G 49 40.50 4.06 -17.33
N ILE G 50 40.61 4.67 -16.15
CA ILE G 50 39.43 5.15 -15.44
C ILE G 50 38.79 6.33 -16.18
N TYR G 51 39.62 7.19 -16.77
CA TYR G 51 39.13 8.46 -17.30
C TYR G 51 38.15 8.25 -18.44
N GLU G 52 38.42 7.29 -19.32
CA GLU G 52 37.53 7.06 -20.45
C GLU G 52 36.17 6.54 -20.01
N GLU G 53 36.13 5.65 -19.03
CA GLU G 53 34.86 5.09 -18.61
C GLU G 53 34.04 6.06 -17.79
N THR G 54 34.69 6.96 -17.05
CA THR G 54 33.96 7.95 -16.26
C THR G 54 33.16 8.88 -17.15
N ARG G 55 33.71 9.26 -18.30
CA ARG G 55 32.98 10.12 -19.23
C ARG G 55 31.71 9.44 -19.73
N GLY G 56 31.76 8.12 -19.95
CA GLY G 56 30.58 7.41 -20.40
C GLY G 56 29.47 7.38 -19.35
N VAL G 57 29.86 7.22 -18.08
CA VAL G 57 28.85 7.16 -17.02
C VAL G 57 28.15 8.51 -16.86
N LEU G 58 28.92 9.61 -16.92
CA LEU G 58 28.33 10.93 -16.75
C LEU G 58 27.35 11.25 -17.87
N LYS G 59 27.67 10.85 -19.10
CA LYS G 59 26.82 11.18 -20.24
C LYS G 59 25.44 10.51 -20.11
N VAL G 60 25.41 9.26 -19.63
CA VAL G 60 24.15 8.56 -19.46
C VAL G 60 23.29 9.25 -18.40
N PHE G 61 23.93 9.73 -17.33
CA PHE G 61 23.18 10.37 -16.25
C PHE G 61 22.49 11.63 -16.72
N LEU G 62 23.17 12.44 -17.53
CA LEU G 62 22.59 13.72 -17.96
C LEU G 62 21.43 13.52 -18.92
N GLU G 63 21.49 12.49 -19.77
CA GLU G 63 20.43 12.30 -20.76
C GLU G 63 19.10 12.01 -20.10
N ASN G 64 19.08 11.19 -19.05
CA ASN G 64 17.83 10.84 -18.40
C ASN G 64 17.20 12.06 -17.73
N VAL G 65 18.02 12.89 -17.07
CA VAL G 65 17.47 14.05 -16.36
C VAL G 65 16.98 15.11 -17.33
N ILE G 66 17.76 15.39 -18.38
CA ILE G 66 17.39 16.47 -19.31
C ILE G 66 16.15 16.10 -20.09
N ARG G 67 15.96 14.83 -20.43
CA ARG G 67 14.79 14.43 -21.21
C ARG G 67 13.51 14.75 -20.46
N ASP G 68 13.46 14.49 -19.15
CA ASP G 68 12.26 14.78 -18.37
C ASP G 68 12.05 16.27 -18.21
N ALA G 69 13.14 17.04 -18.08
CA ALA G 69 13.02 18.48 -17.89
C ALA G 69 12.37 19.14 -19.10
N VAL G 70 12.74 18.72 -20.31
CA VAL G 70 12.13 19.29 -21.51
C VAL G 70 10.66 18.92 -21.60
N THR G 71 10.29 17.72 -21.15
CA THR G 71 8.89 17.30 -21.22
C THR G 71 7.99 18.22 -20.40
N TYR G 72 8.45 18.62 -19.20
CA TYR G 72 7.69 19.57 -18.40
C TYR G 72 7.55 20.91 -19.11
N THR G 73 8.62 21.36 -19.79
CA THR G 73 8.59 22.65 -20.44
C THR G 73 7.56 22.70 -21.57
N GLU G 74 7.49 21.63 -22.37
CA GLU G 74 6.55 21.62 -23.49
C GLU G 74 5.11 21.61 -23.03
N HIS G 75 4.82 20.95 -21.89
CA HIS G 75 3.45 20.91 -21.39
C HIS G 75 2.95 22.30 -21.02
N ALA G 76 3.84 23.16 -20.50
CA ALA G 76 3.47 24.50 -20.12
C ALA G 76 3.53 25.50 -21.27
N LYS G 77 3.89 25.04 -22.48
CA LYS G 77 3.96 25.90 -23.67
C LYS G 77 4.95 27.05 -23.47
N ARG G 78 6.18 26.70 -23.13
CA ARG G 78 7.24 27.68 -22.95
C ARG G 78 8.45 27.27 -23.78
N LYS G 79 9.33 28.23 -24.03
CA LYS G 79 10.56 28.00 -24.77
C LYS G 79 11.81 28.19 -23.92
N THR G 80 11.65 28.32 -22.60
CA THR G 80 12.76 28.53 -21.69
C THR G 80 12.70 27.49 -20.57
N VAL G 81 13.83 26.86 -20.28
CA VAL G 81 13.91 25.89 -19.21
C VAL G 81 14.21 26.63 -17.91
N THR G 82 13.35 26.44 -16.91
CA THR G 82 13.47 27.13 -15.64
C THR G 82 14.10 26.22 -14.59
N ALA G 83 14.38 26.80 -13.43
CA ALA G 83 15.00 26.04 -12.35
C ALA G 83 14.03 25.03 -11.73
N MET G 84 12.74 25.36 -11.69
CA MET G 84 11.77 24.45 -11.08
C MET G 84 11.58 23.19 -11.92
N ASP G 85 11.78 23.29 -13.25
CA ASP G 85 11.65 22.11 -14.10
C ASP G 85 12.71 21.08 -13.75
N VAL G 86 13.93 21.52 -13.46
CA VAL G 86 14.99 20.60 -13.08
C VAL G 86 14.68 19.95 -11.74
N VAL G 87 14.16 20.73 -10.78
CA VAL G 87 13.89 20.19 -9.45
C VAL G 87 12.83 19.10 -9.52
N TYR G 88 11.78 19.31 -10.30
CA TYR G 88 10.72 18.30 -10.42
C TYR G 88 11.26 17.02 -11.06
N ALA G 89 12.13 17.16 -12.06
CA ALA G 89 12.67 15.98 -12.74
C ALA G 89 13.52 15.14 -11.79
N LEU G 90 14.34 15.77 -10.96
CA LEU G 90 15.18 15.04 -10.03
C LEU G 90 14.34 14.31 -8.99
N LYS G 91 13.29 14.96 -8.49
CA LYS G 91 12.46 14.35 -7.44
C LYS G 91 11.75 13.11 -7.95
N ARG G 92 11.38 13.09 -9.23
CA ARG G 92 10.67 11.92 -9.77
C ARG G 92 11.56 10.68 -9.76
N GLN G 93 12.86 10.86 -9.98
CA GLN G 93 13.78 9.74 -10.01
C GLN G 93 14.25 9.30 -8.62
N GLY G 94 13.98 10.09 -7.59
CA GLY G 94 14.33 9.72 -6.24
C GLY G 94 15.56 10.41 -5.70
N ARG G 95 15.85 11.62 -6.19
CA ARG G 95 17.00 12.41 -5.75
C ARG G 95 16.51 13.83 -5.44
N THR G 96 16.04 14.04 -4.21
CA THR G 96 15.56 15.35 -3.82
C THR G 96 16.72 16.33 -3.63
N LEU G 97 16.49 17.58 -4.03
CA LEU G 97 17.51 18.62 -3.94
C LEU G 97 16.96 19.80 -3.16
N TYR G 98 17.73 20.28 -2.19
CA TYR G 98 17.36 21.44 -1.38
C TYR G 98 18.25 22.62 -1.76
N GLY G 99 17.64 23.79 -1.92
CA GLY G 99 18.43 25.00 -2.12
C GLY G 99 17.98 25.89 -3.26
N PHE G 100 17.49 25.31 -4.34
CA PHE G 100 17.09 26.05 -5.54
C PHE G 100 15.57 26.10 -5.59
N GLY G 101 14.99 27.14 -4.99
CA GLY G 101 13.54 27.26 -4.97
C GLY G 101 12.92 26.07 -4.24
N GLY G 102 11.98 25.42 -4.91
CA GLY G 102 11.34 24.25 -4.34
C GLY G 102 10.34 24.55 -3.26
N THR H 10 -39.33 9.92 -28.74
CA THR H 10 -38.91 9.32 -27.47
C THR H 10 -37.41 9.05 -27.47
N ARG H 11 -36.96 8.30 -26.46
CA ARG H 11 -35.54 7.97 -26.32
C ARG H 11 -35.11 6.97 -27.39
N ALA H 12 -33.95 7.23 -28.00
CA ALA H 12 -33.48 6.44 -29.13
C ALA H 12 -32.45 5.41 -28.66
N LYS H 13 -32.98 4.34 -28.07
CA LYS H 13 -32.18 3.18 -27.66
C LYS H 13 -31.09 3.64 -26.69
N ALA H 14 -29.97 2.93 -26.66
CA ALA H 14 -28.85 3.27 -25.77
C ALA H 14 -27.61 2.56 -26.28
N LYS H 15 -26.55 3.33 -26.54
CA LYS H 15 -25.27 2.78 -26.96
C LYS H 15 -24.23 3.06 -25.90
N THR H 16 -23.46 2.05 -25.54
CA THR H 16 -22.37 2.24 -24.58
C THR H 16 -21.27 3.09 -25.20
N ARG H 17 -20.63 3.89 -24.35
CA ARG H 17 -19.54 4.74 -24.83
C ARG H 17 -18.35 3.92 -25.31
N SER H 18 -18.20 2.68 -24.83
CA SER H 18 -17.13 1.84 -25.33
C SER H 18 -17.33 1.48 -26.80
N SER H 19 -18.58 1.22 -27.20
CA SER H 19 -18.86 0.86 -28.59
C SER H 19 -18.57 2.01 -29.54
N ARG H 20 -18.81 3.25 -29.11
CA ARG H 20 -18.53 4.40 -29.96
C ARG H 20 -17.04 4.57 -30.23
N ALA H 21 -16.18 4.01 -29.40
CA ALA H 21 -14.74 4.11 -29.56
C ALA H 21 -14.09 2.80 -30.01
N GLY H 22 -14.85 1.73 -30.16
CA GLY H 22 -14.31 0.46 -30.59
C GLY H 22 -13.34 -0.15 -29.60
N LEU H 23 -13.70 -0.17 -28.32
CA LEU H 23 -12.86 -0.72 -27.26
C LEU H 23 -13.56 -1.89 -26.58
N GLN H 24 -12.79 -2.61 -25.76
CA GLN H 24 -13.32 -3.70 -24.97
C GLN H 24 -13.41 -3.39 -23.49
N PHE H 25 -12.53 -2.53 -22.96
CA PHE H 25 -12.53 -2.11 -21.57
C PHE H 25 -13.63 -1.07 -21.32
N PRO H 26 -14.22 -1.07 -20.13
CA PRO H 26 -15.31 -0.12 -19.85
C PRO H 26 -14.82 1.32 -19.81
N VAL H 27 -15.69 2.23 -20.23
CA VAL H 27 -15.43 3.65 -20.19
C VAL H 27 -16.25 4.34 -19.11
N GLY H 28 -17.51 3.93 -18.93
CA GLY H 28 -18.31 4.52 -17.89
C GLY H 28 -17.79 4.24 -16.49
N ARG H 29 -17.31 3.02 -16.26
CA ARG H 29 -16.75 2.67 -14.95
C ARG H 29 -15.49 3.47 -14.65
N VAL H 30 -14.62 3.65 -15.65
CA VAL H 30 -13.38 4.38 -15.44
C VAL H 30 -13.68 5.85 -15.10
N HIS H 31 -14.71 6.42 -15.72
CA HIS H 31 -15.06 7.80 -15.45
C HIS H 31 -15.48 8.00 -14.00
N ARG H 32 -16.25 7.04 -13.46
CA ARG H 32 -16.69 7.14 -12.07
C ARG H 32 -15.52 7.07 -11.10
N LEU H 33 -14.55 6.19 -11.37
CA LEU H 33 -13.42 6.04 -10.48
C LEU H 33 -12.57 7.31 -10.42
N LEU H 34 -12.42 8.00 -11.56
CA LEU H 34 -11.67 9.25 -11.56
C LEU H 34 -12.34 10.31 -10.72
N ARG H 35 -13.67 10.41 -10.80
CA ARG H 35 -14.38 11.48 -10.09
C ARG H 35 -14.37 11.24 -8.58
N LYS H 36 -14.61 10.01 -8.15
CA LYS H 36 -14.62 9.68 -6.72
C LYS H 36 -13.28 9.13 -6.27
N GLY H 37 -12.22 9.91 -6.51
CA GLY H 37 -10.90 9.47 -6.14
C GLY H 37 -10.00 10.56 -5.58
N ASN H 38 -10.54 11.78 -5.48
CA ASN H 38 -9.80 12.93 -4.96
C ASN H 38 -8.53 13.18 -5.78
N TYR H 39 -8.69 13.31 -7.10
CA TYR H 39 -7.59 13.65 -8.00
C TYR H 39 -7.63 15.11 -8.44
N ALA H 40 -8.82 15.62 -8.77
CA ALA H 40 -8.99 17.01 -9.18
C ALA H 40 -10.44 17.39 -8.95
N GLU H 41 -10.71 18.68 -9.11
CA GLU H 41 -12.07 19.18 -8.90
C GLU H 41 -13.00 18.79 -10.04
N ARG H 42 -12.52 18.85 -11.28
CA ARG H 42 -13.33 18.54 -12.45
C ARG H 42 -12.58 17.55 -13.34
N VAL H 43 -13.34 16.78 -14.10
CA VAL H 43 -12.80 15.79 -15.02
C VAL H 43 -13.36 16.04 -16.41
N GLY H 44 -12.48 16.09 -17.41
CA GLY H 44 -12.90 16.34 -18.77
C GLY H 44 -13.61 15.14 -19.38
N ALA H 45 -14.08 15.35 -20.61
CA ALA H 45 -14.86 14.34 -21.30
C ALA H 45 -14.01 13.32 -22.04
N GLY H 46 -12.90 13.74 -22.64
CA GLY H 46 -12.03 12.84 -23.37
C GLY H 46 -11.02 12.09 -22.54
N ALA H 47 -10.87 12.44 -21.26
CA ALA H 47 -9.89 11.75 -20.41
C ALA H 47 -10.20 10.27 -20.23
N PRO H 48 -11.43 9.84 -19.90
CA PRO H 48 -11.67 8.40 -19.74
C PRO H 48 -11.41 7.60 -20.99
N VAL H 49 -11.68 8.16 -22.18
CA VAL H 49 -11.47 7.41 -23.41
C VAL H 49 -9.98 7.16 -23.64
N TYR H 50 -9.14 8.17 -23.38
CA TYR H 50 -7.71 8.02 -23.59
C TYR H 50 -7.12 6.98 -22.64
N LEU H 51 -7.54 7.01 -21.37
CA LEU H 51 -6.94 6.13 -20.38
C LEU H 51 -7.35 4.68 -20.59
N ALA H 52 -8.59 4.45 -21.03
CA ALA H 52 -9.06 3.08 -21.26
C ALA H 52 -8.28 2.41 -22.38
N ALA H 53 -7.96 3.15 -23.44
CA ALA H 53 -7.23 2.57 -24.56
C ALA H 53 -5.82 2.15 -24.16
N VAL H 54 -5.16 2.94 -23.31
CA VAL H 54 -3.81 2.61 -22.88
C VAL H 54 -3.80 1.33 -22.07
N LEU H 55 -4.76 1.17 -21.14
CA LEU H 55 -4.79 -0.03 -20.31
C LEU H 55 -5.01 -1.28 -21.15
N GLU H 56 -5.87 -1.18 -22.17
CA GLU H 56 -6.13 -2.35 -23.02
C GLU H 56 -4.90 -2.75 -23.81
N TYR H 57 -4.13 -1.77 -24.30
CA TYR H 57 -2.95 -2.09 -25.10
C TYR H 57 -1.91 -2.86 -24.29
N LEU H 58 -1.67 -2.45 -23.03
CA LEU H 58 -0.67 -3.13 -22.22
C LEU H 58 -1.11 -4.55 -21.87
N THR H 59 -2.40 -4.75 -21.65
CA THR H 59 -2.89 -6.09 -21.31
C THR H 59 -2.65 -7.07 -22.45
N ALA H 60 -2.93 -6.66 -23.68
CA ALA H 60 -2.73 -7.54 -24.82
C ALA H 60 -1.25 -7.83 -25.06
N GLU H 61 -0.36 -6.91 -24.65
CA GLU H 61 1.07 -7.13 -24.84
C GLU H 61 1.57 -8.29 -23.98
N ILE H 62 1.15 -8.36 -22.72
CA ILE H 62 1.60 -9.43 -21.84
C ILE H 62 1.00 -10.76 -22.23
N LEU H 63 -0.31 -10.77 -22.55
CA LEU H 63 -0.99 -12.04 -22.81
C LEU H 63 -0.46 -12.74 -24.04
N GLU H 64 0.00 -11.99 -25.04
CA GLU H 64 0.55 -12.61 -26.23
C GLU H 64 1.82 -13.39 -25.92
N LEU H 65 2.71 -12.81 -25.12
CA LEU H 65 3.96 -13.48 -24.78
C LEU H 65 3.72 -14.68 -23.87
N ALA H 66 2.76 -14.57 -22.95
CA ALA H 66 2.46 -15.68 -22.05
C ALA H 66 1.92 -16.87 -22.81
N GLY H 67 1.07 -16.62 -23.82
CA GLY H 67 0.53 -17.71 -24.61
C GLY H 67 1.58 -18.49 -25.37
N ASN H 68 2.62 -17.81 -25.86
CA ASN H 68 3.70 -18.50 -26.55
C ASN H 68 4.45 -19.42 -25.61
N ALA H 69 4.69 -18.99 -24.37
CA ALA H 69 5.41 -19.83 -23.42
C ALA H 69 4.63 -21.10 -23.09
N ALA H 70 3.31 -20.99 -22.96
CA ALA H 70 2.50 -22.17 -22.67
C ALA H 70 2.54 -23.17 -23.82
N ARG H 71 2.57 -22.67 -25.05
CA ARG H 71 2.61 -23.56 -26.21
C ARG H 71 3.91 -24.35 -26.26
N ASP H 72 5.02 -23.71 -25.90
CA ASP H 72 6.31 -24.40 -25.89
C ASP H 72 6.33 -25.53 -24.87
N ASN H 73 5.57 -25.40 -23.79
CA ASN H 73 5.50 -26.43 -22.76
C ASN H 73 4.36 -27.42 -23.00
N LYS H 74 3.62 -27.26 -24.11
CA LYS H 74 2.55 -28.18 -24.50
C LYS H 74 1.42 -28.21 -23.47
N LYS H 75 0.87 -27.02 -23.21
CA LYS H 75 -0.27 -26.88 -22.31
C LYS H 75 -1.24 -25.86 -22.90
N THR H 76 -2.50 -25.97 -22.48
CA THR H 76 -3.56 -25.12 -23.00
C THR H 76 -4.06 -24.11 -21.98
N ARG H 77 -3.40 -23.98 -20.83
CA ARG H 77 -3.78 -23.02 -19.82
C ARG H 77 -2.56 -22.23 -19.37
N ILE H 78 -2.81 -21.04 -18.85
CA ILE H 78 -1.76 -20.13 -18.39
C ILE H 78 -1.71 -20.19 -16.86
N ILE H 79 -0.52 -20.45 -16.33
CA ILE H 79 -0.29 -20.52 -14.89
C ILE H 79 0.69 -19.42 -14.50
N PRO H 80 0.86 -19.09 -13.22
CA PRO H 80 1.76 -18.00 -12.86
C PRO H 80 3.20 -18.19 -13.33
N ARG H 81 3.65 -19.44 -13.52
CA ARG H 81 5.00 -19.68 -14.01
C ARG H 81 5.19 -19.08 -15.40
N HIS H 82 4.18 -19.20 -16.27
CA HIS H 82 4.28 -18.68 -17.62
C HIS H 82 4.35 -17.16 -17.65
N LEU H 83 3.65 -16.50 -16.72
CA LEU H 83 3.73 -15.04 -16.65
C LEU H 83 5.12 -14.56 -16.27
N GLN H 84 5.79 -15.30 -15.39
CA GLN H 84 7.14 -14.93 -14.96
C GLN H 84 8.12 -14.98 -16.13
N LEU H 85 8.04 -16.02 -16.96
CA LEU H 85 8.97 -16.16 -18.07
C LEU H 85 8.81 -15.03 -19.08
N ALA H 86 7.57 -14.63 -19.36
CA ALA H 86 7.33 -13.60 -20.37
C ALA H 86 7.91 -12.26 -19.93
N VAL H 87 7.72 -11.89 -18.66
CA VAL H 87 8.15 -10.58 -18.20
C VAL H 87 9.67 -10.49 -18.15
N ARG H 88 10.32 -11.50 -17.58
CA ARG H 88 11.75 -11.41 -17.34
C ARG H 88 12.57 -11.51 -18.63
N ASN H 89 12.10 -12.28 -19.61
CA ASN H 89 12.83 -12.41 -20.86
C ASN H 89 12.77 -11.11 -21.67
N ASP H 90 11.62 -10.44 -21.67
CA ASP H 90 11.50 -9.17 -22.37
C ASP H 90 12.25 -8.07 -21.63
N GLU H 91 12.74 -7.10 -22.39
CA GLU H 91 13.56 -6.04 -21.81
C GLU H 91 12.72 -4.85 -21.35
N GLU H 92 11.74 -4.44 -22.15
CA GLU H 92 10.91 -3.29 -21.78
C GLU H 92 10.04 -3.60 -20.58
N LEU H 93 9.39 -4.76 -20.57
CA LEU H 93 8.50 -5.10 -19.47
C LEU H 93 9.27 -5.34 -18.18
N ASN H 94 10.50 -5.86 -18.29
CA ASN H 94 11.31 -6.10 -17.10
C ASN H 94 11.64 -4.79 -16.40
N LYS H 95 11.91 -3.73 -17.17
CA LYS H 95 12.23 -2.44 -16.55
C LYS H 95 11.00 -1.83 -15.89
N LEU H 96 9.82 -2.02 -16.47
CA LEU H 96 8.60 -1.47 -15.89
C LEU H 96 8.29 -2.12 -14.55
N LEU H 97 8.29 -3.45 -14.50
CA LEU H 97 8.04 -4.19 -13.26
C LEU H 97 9.38 -4.60 -12.65
N GLY H 98 10.09 -3.61 -12.14
CA GLY H 98 11.42 -3.84 -11.60
C GLY H 98 11.45 -4.09 -10.10
N ARG H 99 10.35 -3.78 -9.42
CA ARG H 99 10.24 -3.96 -7.98
C ARG H 99 8.96 -4.68 -7.62
N VAL H 100 8.60 -5.70 -8.40
CA VAL H 100 7.35 -6.44 -8.23
C VAL H 100 7.68 -7.92 -8.07
N THR H 101 7.06 -8.54 -7.07
CA THR H 101 7.20 -9.96 -6.82
C THR H 101 5.94 -10.68 -7.25
N ILE H 102 6.10 -11.74 -8.05
CA ILE H 102 4.99 -12.55 -8.52
C ILE H 102 5.00 -13.86 -7.77
N ALA H 103 3.89 -14.18 -7.11
CA ALA H 103 3.82 -15.39 -6.29
C ALA H 103 3.90 -16.64 -7.16
N GLN H 104 4.67 -17.62 -6.69
CA GLN H 104 4.85 -18.90 -7.38
C GLN H 104 5.39 -18.69 -8.79
N GLY H 105 6.44 -17.88 -8.90
CA GLY H 105 7.02 -17.58 -10.19
C GLY H 105 8.32 -18.30 -10.47
N GLY H 106 9.18 -18.40 -9.47
CA GLY H 106 10.49 -19.01 -9.66
C GLY H 106 11.51 -18.03 -10.21
N VAL H 107 12.59 -18.59 -10.75
CA VAL H 107 13.69 -17.80 -11.29
C VAL H 107 14.09 -18.37 -12.65
N LEU H 108 14.81 -17.55 -13.42
CA LEU H 108 15.34 -17.98 -14.70
C LEU H 108 16.59 -18.85 -14.50
N PRO H 109 16.77 -19.86 -15.35
CA PRO H 109 17.99 -20.68 -15.27
C PRO H 109 19.22 -19.86 -15.67
N ASN H 110 20.23 -19.87 -14.80
CA ASN H 110 21.44 -19.10 -15.03
C ASN H 110 22.55 -19.63 -14.13
N ILE H 111 23.68 -20.02 -14.73
CA ILE H 111 24.83 -20.51 -14.00
C ILE H 111 26.06 -19.78 -14.51
N GLN H 112 26.89 -19.29 -13.59
CA GLN H 112 28.12 -18.61 -13.95
C GLN H 112 29.08 -19.58 -14.64
N SER H 113 29.85 -19.05 -15.59
CA SER H 113 30.68 -19.91 -16.44
C SER H 113 31.86 -20.48 -15.67
N VAL H 114 32.40 -19.73 -14.70
CA VAL H 114 33.60 -20.17 -13.99
C VAL H 114 33.32 -21.41 -13.16
N LEU H 115 32.07 -21.60 -12.73
CA LEU H 115 31.74 -22.75 -11.88
C LEU H 115 31.65 -24.05 -12.65
N LEU H 116 31.54 -24.00 -13.98
CA LEU H 116 31.37 -25.20 -14.77
C LEU H 116 32.67 -26.03 -14.78
N PRO H 117 32.56 -27.35 -14.88
CA PRO H 117 33.76 -28.18 -14.90
C PRO H 117 34.59 -27.95 -16.15
N LYS H 118 35.90 -28.15 -16.00
CA LYS H 118 36.83 -27.96 -17.10
C LYS H 118 37.78 -29.14 -17.24
N ARG I 30 -21.40 -7.23 -3.22
CA ARG I 30 -21.12 -7.00 -4.64
C ARG I 30 -19.73 -6.41 -4.84
N LYS I 31 -18.82 -7.23 -5.35
CA LYS I 31 -17.46 -6.82 -5.62
C LYS I 31 -17.23 -6.68 -7.11
N GLU I 32 -16.31 -5.79 -7.48
CA GLU I 32 -16.02 -5.49 -8.86
C GLU I 32 -14.59 -5.91 -9.21
N SER I 33 -14.40 -6.32 -10.46
CA SER I 33 -13.09 -6.73 -10.94
C SER I 33 -13.08 -6.59 -12.46
N TYR I 34 -11.89 -6.76 -13.04
CA TYR I 34 -11.70 -6.70 -14.48
C TYR I 34 -11.68 -8.08 -15.13
N ALA I 35 -12.16 -9.11 -14.43
CA ALA I 35 -12.03 -10.47 -14.93
C ALA I 35 -12.81 -10.66 -16.24
N ILE I 36 -13.99 -10.06 -16.35
CA ILE I 36 -14.80 -10.22 -17.55
C ILE I 36 -14.09 -9.62 -18.75
N TYR I 37 -13.49 -8.43 -18.59
CA TYR I 37 -12.89 -7.73 -19.72
C TYR I 37 -11.56 -8.33 -20.14
N VAL I 38 -10.78 -8.85 -19.19
CA VAL I 38 -9.50 -9.46 -19.54
C VAL I 38 -9.73 -10.71 -20.38
N TYR I 39 -10.79 -11.45 -20.10
CA TYR I 39 -11.06 -12.68 -20.83
C TYR I 39 -11.42 -12.40 -22.29
N LYS I 40 -12.08 -11.27 -22.56
CA LYS I 40 -12.42 -10.93 -23.94
C LYS I 40 -11.16 -10.66 -24.77
N VAL I 41 -10.17 -9.98 -24.19
CA VAL I 41 -8.95 -9.68 -24.91
C VAL I 41 -8.19 -10.95 -25.24
N LEU I 42 -8.23 -11.93 -24.33
CA LEU I 42 -7.49 -13.17 -24.55
C LEU I 42 -8.00 -13.92 -25.78
N LYS I 43 -9.32 -13.92 -25.99
CA LYS I 43 -9.88 -14.65 -27.12
C LYS I 43 -9.53 -14.03 -28.46
N GLN I 44 -9.15 -12.75 -28.49
CA GLN I 44 -8.72 -12.15 -29.74
C GLN I 44 -7.30 -12.56 -30.12
N VAL I 45 -6.42 -12.72 -29.14
CA VAL I 45 -5.03 -13.05 -29.41
C VAL I 45 -4.87 -14.54 -29.65
N HIS I 46 -5.19 -15.36 -28.65
CA HIS I 46 -5.16 -16.81 -28.77
C HIS I 46 -6.58 -17.35 -28.61
N PRO I 47 -7.26 -17.72 -29.69
CA PRO I 47 -8.68 -18.08 -29.60
C PRO I 47 -8.97 -19.35 -28.80
N ASP I 48 -7.99 -20.20 -28.55
CA ASP I 48 -8.22 -21.51 -27.93
C ASP I 48 -7.26 -21.76 -26.78
N THR I 49 -7.13 -20.79 -25.89
CA THR I 49 -6.30 -20.92 -24.71
C THR I 49 -7.07 -20.43 -23.48
N GLY I 50 -6.95 -21.18 -22.39
CA GLY I 50 -7.61 -20.83 -21.15
C GLY I 50 -6.67 -20.17 -20.15
N ILE I 51 -7.18 -19.96 -18.94
CA ILE I 51 -6.42 -19.32 -17.87
C ILE I 51 -6.96 -19.82 -16.53
N SER I 52 -6.07 -19.97 -15.56
CA SER I 52 -6.43 -20.48 -14.25
C SER I 52 -6.81 -19.33 -13.31
N SER I 53 -7.42 -19.70 -12.18
CA SER I 53 -7.91 -18.70 -11.24
C SER I 53 -6.77 -17.94 -10.57
N LYS I 54 -5.68 -18.63 -10.24
CA LYS I 54 -4.55 -17.95 -9.62
C LYS I 54 -3.94 -16.92 -10.54
N ALA I 55 -3.80 -17.25 -11.83
CA ALA I 55 -3.25 -16.30 -12.79
C ALA I 55 -4.19 -15.13 -13.03
N MET I 56 -5.50 -15.36 -12.88
CA MET I 56 -6.47 -14.29 -13.07
C MET I 56 -6.32 -13.21 -12.00
N SER I 57 -5.98 -13.61 -10.77
CA SER I 57 -5.79 -12.64 -9.70
C SER I 57 -4.59 -11.75 -9.97
N ILE I 58 -3.51 -12.31 -10.51
CA ILE I 58 -2.31 -11.54 -10.78
C ILE I 58 -2.59 -10.47 -11.84
N MET I 59 -3.31 -10.84 -12.89
CA MET I 59 -3.65 -9.86 -13.93
C MET I 59 -4.55 -8.77 -13.39
N ASN I 60 -5.44 -9.09 -12.45
CA ASN I 60 -6.31 -8.08 -11.86
C ASN I 60 -5.51 -7.06 -11.07
N SER I 61 -4.50 -7.51 -10.32
CA SER I 61 -3.68 -6.58 -9.56
C SER I 61 -2.82 -5.71 -10.46
N PHE I 62 -2.44 -6.23 -11.64
CA PHE I 62 -1.60 -5.47 -12.56
C PHE I 62 -2.34 -4.23 -13.08
N VAL I 63 -3.62 -4.37 -13.38
CA VAL I 63 -4.39 -3.25 -13.93
C VAL I 63 -4.55 -2.15 -12.90
N ASN I 64 -4.86 -2.52 -11.65
CA ASN I 64 -5.05 -1.52 -10.60
C ASN I 64 -3.76 -0.76 -10.33
N ASP I 65 -2.62 -1.45 -10.38
CA ASP I 65 -1.33 -0.81 -10.11
C ASP I 65 -1.03 0.28 -11.12
N VAL I 66 -1.23 0.00 -12.40
CA VAL I 66 -0.93 0.97 -13.45
C VAL I 66 -1.92 2.13 -13.41
N PHE I 67 -3.17 1.86 -13.01
CA PHE I 67 -4.17 2.92 -12.94
C PHE I 67 -3.75 4.01 -11.98
N GLU I 68 -3.19 3.64 -10.83
CA GLU I 68 -2.85 4.63 -9.81
C GLU I 68 -1.62 5.43 -10.20
N ARG I 69 -0.67 4.82 -10.91
CA ARG I 69 0.53 5.54 -11.31
C ARG I 69 0.19 6.68 -12.26
N ILE I 70 -0.62 6.39 -13.29
CA ILE I 70 -0.94 7.40 -14.29
C ILE I 70 -1.85 8.47 -13.69
N ALA I 71 -2.88 8.05 -12.95
CA ALA I 71 -3.81 9.01 -12.38
C ALA I 71 -3.13 9.91 -11.34
N GLY I 72 -2.23 9.33 -10.54
CA GLY I 72 -1.54 10.12 -9.54
C GLY I 72 -0.61 11.16 -10.15
N GLU I 73 0.10 10.78 -11.21
CA GLU I 73 1.02 11.71 -11.86
C GLU I 73 0.28 12.86 -12.52
N ALA I 74 -0.86 12.57 -13.17
CA ALA I 74 -1.63 13.62 -13.83
C ALA I 74 -2.17 14.63 -12.84
N SER I 75 -2.40 14.21 -11.59
CA SER I 75 -2.90 15.14 -10.57
C SER I 75 -1.88 16.22 -10.26
N ARG I 76 -0.59 15.87 -10.23
CA ARG I 76 0.44 16.84 -9.89
C ARG I 76 0.69 17.82 -11.02
N LEU I 77 0.50 17.40 -12.28
CA LEU I 77 0.70 18.30 -13.40
C LEU I 77 -0.27 19.47 -13.35
N ALA I 78 -1.53 19.21 -13.02
CA ALA I 78 -2.51 20.29 -12.92
C ALA I 78 -2.19 21.23 -11.77
N HIS I 79 -1.70 20.69 -10.65
CA HIS I 79 -1.39 21.52 -9.49
C HIS I 79 -0.26 22.48 -9.78
N TYR I 80 0.77 22.03 -10.53
CA TYR I 80 1.90 22.90 -10.83
C TYR I 80 1.48 24.09 -11.67
N ASN I 81 0.59 23.88 -12.64
CA ASN I 81 0.18 24.92 -13.58
C ASN I 81 -1.07 25.66 -13.13
N LYS I 82 -1.57 25.37 -11.94
CA LYS I 82 -2.72 26.07 -11.36
C LYS I 82 -3.97 25.91 -12.24
N ARG I 83 -4.37 24.66 -12.42
CA ARG I 83 -5.56 24.30 -13.17
C ARG I 83 -6.48 23.47 -12.29
N SER I 84 -7.75 23.37 -12.71
CA SER I 84 -8.76 22.66 -11.95
C SER I 84 -9.38 21.50 -12.71
N THR I 85 -8.82 21.15 -13.88
CA THR I 85 -9.42 20.13 -14.73
C THR I 85 -8.34 19.17 -15.22
N ILE I 86 -8.71 17.90 -15.38
CA ILE I 86 -7.84 16.89 -15.96
C ILE I 86 -8.38 16.58 -17.35
N THR I 87 -7.54 16.79 -18.37
CA THR I 87 -7.92 16.63 -19.76
C THR I 87 -7.04 15.57 -20.41
N SER I 88 -7.18 15.44 -21.74
CA SER I 88 -6.39 14.46 -22.47
C SER I 88 -4.90 14.81 -22.48
N ARG I 89 -4.57 16.10 -22.40
CA ARG I 89 -3.17 16.50 -22.42
C ARG I 89 -2.43 15.98 -21.18
N GLU I 90 -3.08 16.04 -20.02
CA GLU I 90 -2.45 15.53 -18.80
C GLU I 90 -2.19 14.03 -18.90
N ILE I 91 -3.16 13.29 -19.45
CA ILE I 91 -2.98 11.84 -19.60
C ILE I 91 -1.83 11.54 -20.55
N GLN I 92 -1.77 12.26 -21.67
CA GLN I 92 -0.74 11.99 -22.67
C GLN I 92 0.65 12.27 -22.13
N THR I 93 0.82 13.40 -21.41
CA THR I 93 2.12 13.74 -20.86
C THR I 93 2.57 12.74 -19.81
N ALA I 94 1.65 12.29 -18.96
CA ALA I 94 2.00 11.35 -17.90
C ALA I 94 2.47 10.01 -18.46
N VAL I 95 1.91 9.59 -19.60
CA VAL I 95 2.33 8.34 -20.21
C VAL I 95 3.79 8.41 -20.63
N ARG I 96 4.20 9.52 -21.24
CA ARG I 96 5.57 9.65 -21.73
C ARG I 96 6.58 9.69 -20.59
N LEU I 97 6.16 10.13 -19.40
CA LEU I 97 7.08 10.17 -18.26
C LEU I 97 7.30 8.79 -17.65
N LEU I 98 6.31 7.90 -17.73
CA LEU I 98 6.38 6.62 -17.03
C LEU I 98 6.89 5.49 -17.93
N LEU I 99 6.19 5.24 -19.03
CA LEU I 99 6.53 4.11 -19.88
C LEU I 99 7.87 4.33 -20.56
N PRO I 100 8.72 3.30 -20.63
CA PRO I 100 10.05 3.46 -21.22
C PRO I 100 10.12 3.09 -22.69
N GLY I 101 10.93 3.85 -23.42
CA GLY I 101 11.31 3.47 -24.78
C GLY I 101 10.13 3.40 -25.73
N GLU I 102 10.03 2.28 -26.44
CA GLU I 102 9.04 2.13 -27.50
C GLU I 102 7.65 1.83 -26.97
N LEU I 103 7.52 1.44 -25.70
CA LEU I 103 6.19 1.25 -25.13
C LEU I 103 5.40 2.55 -25.13
N ALA I 104 6.06 3.66 -24.82
CA ALA I 104 5.39 4.96 -24.86
C ALA I 104 5.01 5.34 -26.28
N LYS I 105 5.85 5.00 -27.26
CA LYS I 105 5.58 5.39 -28.64
C LYS I 105 4.32 4.73 -29.18
N HIS I 106 4.13 3.45 -28.90
CA HIS I 106 2.95 2.75 -29.38
C HIS I 106 1.71 3.09 -28.56
N ALA I 107 1.88 3.40 -27.27
CA ALA I 107 0.72 3.71 -26.43
C ALA I 107 0.07 5.03 -26.85
N VAL I 108 0.88 6.00 -27.26
CA VAL I 108 0.34 7.31 -27.66
C VAL I 108 -0.54 7.17 -28.89
N SER I 109 -0.11 6.39 -29.87
CA SER I 109 -0.88 6.23 -31.10
C SER I 109 -2.22 5.56 -30.83
N GLU I 110 -2.24 4.57 -29.93
CA GLU I 110 -3.49 3.89 -29.60
C GLU I 110 -4.48 4.85 -28.93
N GLY I 111 -4.00 5.68 -28.01
CA GLY I 111 -4.89 6.61 -27.34
C GLY I 111 -5.43 7.68 -28.27
N THR I 112 -4.57 8.23 -29.13
CA THR I 112 -5.01 9.28 -30.05
C THR I 112 -6.03 8.73 -31.05
N LYS I 113 -5.83 7.50 -31.52
CA LYS I 113 -6.73 6.92 -32.50
C LYS I 113 -8.14 6.75 -31.93
N ALA I 114 -8.25 6.43 -30.65
CA ALA I 114 -9.57 6.19 -30.06
C ALA I 114 -10.34 7.49 -29.88
N VAL I 115 -9.66 8.56 -29.49
CA VAL I 115 -10.35 9.82 -29.20
C VAL I 115 -10.99 10.40 -30.45
N THR I 116 -10.26 10.41 -31.57
CA THR I 116 -10.81 10.98 -32.80
C THR I 116 -11.99 10.18 -33.32
N LYS I 117 -11.97 8.85 -33.16
CA LYS I 117 -13.11 8.04 -33.57
C LYS I 117 -14.33 8.33 -32.70
N TYR I 118 -14.11 8.51 -31.40
CA TYR I 118 -15.22 8.80 -30.49
C TYR I 118 -15.87 10.14 -30.81
N THR I 119 -15.05 11.16 -31.13
CA THR I 119 -15.60 12.48 -31.42
C THR I 119 -16.47 12.46 -32.67
N SER I 120 -16.05 11.72 -33.70
CA SER I 120 -16.83 11.65 -34.93
C SER I 120 -18.21 11.05 -34.70
N ALA I 121 -18.28 9.99 -33.90
CA ALA I 121 -19.56 9.35 -33.61
C ALA I 121 -20.14 9.84 -32.30
#